data_9I0O
#
_entry.id   9I0O
#
_cell.length_a   1.00
_cell.length_b   1.00
_cell.length_c   1.00
_cell.angle_alpha   90.00
_cell.angle_beta   90.00
_cell.angle_gamma   90.00
#
_symmetry.space_group_name_H-M   'P 1'
#
loop_
_entity.id
_entity.type
_entity.pdbx_description
1 polymer Sortilin
2 polymer Thyroglobulin
3 branched 2-acetamido-2-deoxy-beta-D-glucopyranose-(1-4)-2-acetamido-2-deoxy-beta-D-glucopyranose
4 non-polymer 2-acetamido-2-deoxy-beta-D-glucopyranose
#
loop_
_entity_poly.entity_id
_entity_poly.type
_entity_poly.pdbx_seq_one_letter_code
_entity_poly.pdbx_strand_id
1 'polypeptide(L)'
;QDRLDAPPPPAAPLPRWSGPIGVSWGLRAAAAGGAFPRGGRWRRSAPGEDEECGRVRDFVAKLANNTHQHVFDDLRGSVS
LSWVGDSTGVILVLTTFHVPLVIMTFGQSKLYRSEDYGKNFKDITDLINNTFIRTEFGMAIGPENSGKVVLTAEVSGGSR
GGRIFRSSDFAKNFVQTDLPFHPLTQMMYSPQNSDYLLALSTENGLWVSKNFGGKWEEIHKAVCLAKWGSDNTIFFTTYA
NGSCKADLGALELWRTSDLGKSFKTIGVKIYSFGLGGRFLFASVMADKDTTRRIHVSTDQGDTWSMAQLPSVGQEQFYSI
LAANDDMVFMHVDEPGDTGFGTIFTSDDRGIVYSKSLDRHLYTTTGGETDFTNVTSLRGVYITSVLSEDNSIQTMITFDQ
GGRWTHLRKPENSECDATAKNKNECSLHIHASYSISQKLNVPMAPLSEPNAVGIVIAHGSVGDAISVMVPDVYISDDGGY
SWTKMLEGPHYYTILDSGGIIVAIEHSSRPINVIKFSTDEGQCWQTYTFTRDPIYFTGLASEPGARSMNISIWGFTESFL
TSQWVSYTIDFKDILERNCEEKDYTIWLAHSTDPEDYEDGCILGYKEQFLRLRKSSVCQNGRDYVVTKQPSICLCSLEDF
LCDFGYYRPENDSKCVEQPELKGHDLEFCLYGREEHLTTNGYRKIPGDKCQGGVNPVREVKDLKKKCTSNFLSPEKQNSK
SNSENLYFQSAGHHHHHHHHHH
;
A
2 'polypeptide(L)' SGLREDLLSLQEPGSKTYSK B
#
# COMPACT_ATOMS: atom_id res chain seq x y z
N GLY A 54 -25.01 0.47 -25.71
CA GLY A 54 -24.96 -0.86 -25.14
C GLY A 54 -25.29 -0.87 -23.66
N ARG A 55 -26.44 -1.46 -23.32
CA ARG A 55 -26.87 -1.53 -21.93
C ARG A 55 -27.77 -2.74 -21.74
N VAL A 56 -27.73 -3.30 -20.53
CA VAL A 56 -28.65 -4.36 -20.15
C VAL A 56 -29.92 -3.72 -19.59
N ARG A 57 -31.02 -4.44 -19.70
CA ARG A 57 -32.33 -3.93 -19.30
C ARG A 57 -32.92 -4.78 -18.19
N ASP A 58 -33.84 -4.17 -17.44
CA ASP A 58 -34.53 -4.83 -16.33
C ASP A 58 -33.62 -5.02 -15.12
N PHE A 59 -32.55 -4.23 -15.03
CA PHE A 59 -31.67 -4.31 -13.88
C PHE A 59 -32.18 -3.52 -12.68
N VAL A 60 -33.14 -2.63 -12.90
CA VAL A 60 -33.62 -1.77 -11.81
C VAL A 60 -34.26 -2.63 -10.71
N ALA A 61 -35.13 -3.56 -11.10
CA ALA A 61 -35.77 -4.42 -10.10
C ALA A 61 -34.74 -5.35 -9.43
N LYS A 62 -33.82 -5.90 -10.23
CA LYS A 62 -32.81 -6.79 -9.68
C LYS A 62 -31.98 -6.10 -8.61
N LEU A 63 -31.59 -4.85 -8.86
CA LEU A 63 -30.85 -4.11 -7.84
C LEU A 63 -31.77 -3.68 -6.70
N ALA A 64 -33.04 -3.41 -7.00
CA ALA A 64 -33.96 -2.96 -5.95
C ALA A 64 -34.17 -4.03 -4.90
N ASN A 65 -34.31 -5.28 -5.31
CA ASN A 65 -34.49 -6.36 -4.34
C ASN A 65 -33.26 -6.48 -3.45
N ASN A 66 -32.07 -6.35 -4.03
CA ASN A 66 -30.82 -6.51 -3.28
C ASN A 66 -30.28 -5.14 -2.86
N THR A 67 -30.93 -4.59 -1.83
CA THR A 67 -30.49 -3.34 -1.22
C THR A 67 -30.92 -3.34 0.23
N HIS A 68 -29.98 -3.08 1.14
CA HIS A 68 -30.23 -3.15 2.57
C HIS A 68 -29.73 -1.88 3.24
N GLN A 69 -30.58 -1.28 4.05
CA GLN A 69 -30.28 -0.06 4.79
C GLN A 69 -30.16 -0.37 6.27
N HIS A 70 -29.15 0.19 6.92
CA HIS A 70 -29.00 0.11 8.36
C HIS A 70 -28.66 1.50 8.88
N VAL A 71 -29.34 1.92 9.93
CA VAL A 71 -29.19 3.25 10.51
C VAL A 71 -28.74 3.09 11.96
N PHE A 72 -27.68 3.81 12.33
CA PHE A 72 -27.10 3.73 13.67
C PHE A 72 -27.63 4.87 14.51
N ASP A 73 -28.24 4.52 15.65
CA ASP A 73 -28.82 5.51 16.56
C ASP A 73 -27.77 5.86 17.60
N ASP A 74 -27.04 6.94 17.36
CA ASP A 74 -25.99 7.38 18.28
C ASP A 74 -25.49 8.74 17.84
N LEU A 75 -24.77 9.41 18.74
CA LEU A 75 -24.20 10.72 18.43
C LEU A 75 -23.15 10.58 17.33
N ARG A 76 -23.08 11.59 16.48
CA ARG A 76 -22.15 11.59 15.35
C ARG A 76 -20.76 11.99 15.86
N GLY A 77 -19.88 11.00 16.00
CA GLY A 77 -18.51 11.26 16.37
C GLY A 77 -17.56 10.88 15.25
N SER A 78 -16.91 9.73 15.39
CA SER A 78 -16.04 9.19 14.36
C SER A 78 -16.27 7.68 14.27
N VAL A 79 -15.80 7.09 13.18
CA VAL A 79 -16.04 5.68 12.90
C VAL A 79 -14.71 5.02 12.53
N SER A 80 -14.65 3.72 12.76
CA SER A 80 -13.50 2.91 12.36
C SER A 80 -14.00 1.55 11.90
N LEU A 81 -13.55 1.11 10.74
CA LEU A 81 -14.04 -0.11 10.11
C LEU A 81 -12.88 -1.08 9.92
N SER A 82 -13.06 -2.31 10.37
CA SER A 82 -12.03 -3.34 10.26
C SER A 82 -12.66 -4.64 9.76
N TRP A 83 -11.93 -5.34 8.90
CA TRP A 83 -12.35 -6.63 8.39
C TRP A 83 -11.58 -7.73 9.09
N VAL A 84 -12.29 -8.70 9.65
CA VAL A 84 -11.69 -9.79 10.40
C VAL A 84 -11.65 -11.01 9.48
N GLY A 85 -10.47 -11.31 8.94
CA GLY A 85 -10.30 -12.45 8.06
C GLY A 85 -10.89 -12.20 6.68
N ASP A 86 -10.84 -13.25 5.86
CA ASP A 86 -11.44 -13.24 4.54
C ASP A 86 -12.29 -14.50 4.37
N SER A 87 -13.40 -14.36 3.64
CA SER A 87 -14.39 -15.40 3.41
C SER A 87 -15.29 -15.59 4.61
N THR A 88 -15.22 -14.71 5.62
CA THR A 88 -16.09 -14.77 6.78
C THR A 88 -17.13 -13.68 6.81
N GLY A 89 -16.86 -12.52 6.22
CA GLY A 89 -17.82 -11.45 6.20
C GLY A 89 -18.03 -10.76 7.53
N VAL A 90 -17.07 -10.82 8.43
CA VAL A 90 -17.17 -10.19 9.74
C VAL A 90 -16.63 -8.77 9.63
N ILE A 91 -17.43 -7.80 10.04
CA ILE A 91 -17.04 -6.39 10.04
C ILE A 91 -17.31 -5.82 11.41
N LEU A 92 -16.33 -5.12 11.98
CA LEU A 92 -16.45 -4.50 13.29
C LEU A 92 -16.38 -2.98 13.12
N VAL A 93 -17.39 -2.29 13.62
CA VAL A 93 -17.48 -0.84 13.55
C VAL A 93 -17.37 -0.29 14.97
N LEU A 94 -16.40 0.59 15.20
CA LEU A 94 -16.14 1.17 16.51
C LEU A 94 -16.51 2.64 16.47
N THR A 95 -17.68 2.97 17.03
CA THR A 95 -18.13 4.35 17.11
C THR A 95 -17.69 4.96 18.44
N THR A 96 -17.23 6.20 18.38
CA THR A 96 -16.75 6.92 19.56
C THR A 96 -17.30 8.34 19.54
N PHE A 97 -17.39 8.92 20.73
CA PHE A 97 -17.89 10.28 20.88
C PHE A 97 -17.24 10.93 22.09
N HIS A 98 -17.23 12.25 22.11
CA HIS A 98 -16.71 13.01 23.25
C HIS A 98 -17.69 14.10 23.65
N PHE A 106 -17.57 12.54 28.78
CA PHE A 106 -16.78 12.67 27.56
C PHE A 106 -16.63 11.32 26.87
N GLY A 107 -15.71 10.50 27.36
CA GLY A 107 -15.44 9.21 26.75
C GLY A 107 -16.65 8.33 26.67
N GLN A 108 -16.95 7.83 25.47
CA GLN A 108 -18.09 6.93 25.27
C GLN A 108 -17.89 6.23 23.93
N SER A 109 -18.10 4.92 23.92
CA SER A 109 -17.86 4.12 22.74
C SER A 109 -19.01 3.15 22.51
N LYS A 110 -19.23 2.79 21.25
CA LYS A 110 -20.21 1.79 20.87
C LYS A 110 -19.56 0.86 19.86
N LEU A 111 -19.85 -0.44 19.97
CA LEU A 111 -19.25 -1.45 19.13
C LEU A 111 -20.34 -2.23 18.40
N TYR A 112 -20.21 -2.35 17.09
CA TYR A 112 -21.17 -3.07 16.26
C TYR A 112 -20.44 -4.14 15.46
N ARG A 113 -21.12 -5.28 15.27
CA ARG A 113 -20.55 -6.41 14.54
C ARG A 113 -21.55 -6.92 13.52
N SER A 114 -21.08 -7.15 12.31
CA SER A 114 -21.90 -7.67 11.22
C SER A 114 -21.30 -8.97 10.70
N GLU A 115 -22.11 -10.01 10.66
CA GLU A 115 -21.67 -11.32 10.19
C GLU A 115 -22.16 -11.62 8.77
N ASP A 116 -22.65 -10.61 8.06
CA ASP A 116 -23.31 -10.81 6.77
C ASP A 116 -22.79 -9.84 5.73
N TYR A 117 -21.50 -9.54 5.75
CA TYR A 117 -20.86 -8.62 4.80
C TYR A 117 -21.41 -7.20 4.92
N GLY A 118 -21.98 -6.84 6.05
CA GLY A 118 -22.43 -5.48 6.29
C GLY A 118 -23.88 -5.21 6.00
N LYS A 119 -24.69 -6.23 5.73
CA LYS A 119 -26.11 -6.01 5.50
C LYS A 119 -26.88 -5.78 6.81
N ASN A 120 -26.45 -6.42 7.90
CA ASN A 120 -27.07 -6.23 9.19
C ASN A 120 -25.98 -6.11 10.26
N PHE A 121 -26.28 -5.32 11.30
CA PHE A 121 -25.35 -5.10 12.39
C PHE A 121 -26.03 -5.39 13.71
N LYS A 122 -25.24 -5.81 14.70
CA LYS A 122 -25.71 -6.07 16.05
C LYS A 122 -24.89 -5.27 17.03
N ASP A 123 -25.49 -4.95 18.17
CA ASP A 123 -24.87 -4.11 19.19
C ASP A 123 -24.25 -5.01 20.26
N ILE A 124 -22.92 -5.15 20.21
CA ILE A 124 -22.21 -6.01 21.15
C ILE A 124 -21.42 -5.14 22.13
N THR A 125 -21.91 -3.91 22.36
CA THR A 125 -21.19 -3.01 23.27
C THR A 125 -21.14 -3.57 24.68
N ASP A 126 -22.15 -4.36 25.08
CA ASP A 126 -22.16 -4.90 26.43
C ASP A 126 -21.12 -5.99 26.63
N LEU A 127 -20.56 -6.54 25.54
CA LEU A 127 -19.48 -7.51 25.69
C LEU A 127 -18.25 -6.87 26.31
N ILE A 128 -17.94 -5.64 25.93
CA ILE A 128 -16.79 -4.93 26.50
C ILE A 128 -17.24 -4.15 27.72
N ASN A 129 -18.47 -4.38 28.17
CA ASN A 129 -18.96 -3.84 29.43
C ASN A 129 -18.86 -2.32 29.48
N ASN A 130 -19.20 -1.67 28.36
CA ASN A 130 -19.39 -0.23 28.31
C ASN A 130 -18.22 0.52 28.95
N THR A 131 -17.05 0.36 28.33
CA THR A 131 -15.84 1.04 28.76
C THR A 131 -15.23 1.78 27.58
N PHE A 132 -14.76 3.00 27.84
CA PHE A 132 -14.17 3.81 26.79
C PHE A 132 -12.93 3.13 26.23
N ILE A 133 -12.78 3.17 24.91
CA ILE A 133 -11.70 2.49 24.21
C ILE A 133 -10.77 3.53 23.61
N ARG A 134 -9.47 3.28 23.70
CA ARG A 134 -8.48 4.15 23.09
C ARG A 134 -8.45 3.90 21.60
N THR A 135 -8.85 4.89 20.82
CA THR A 135 -8.85 4.79 19.36
C THR A 135 -7.53 5.25 18.75
N GLU A 136 -6.60 5.78 19.55
CA GLU A 136 -5.30 6.15 19.02
C GLU A 136 -4.56 4.92 18.49
N PHE A 137 -4.59 3.83 19.26
CA PHE A 137 -3.92 2.60 18.82
C PHE A 137 -4.70 1.93 17.69
N GLY A 138 -6.02 1.86 17.83
CA GLY A 138 -6.85 1.15 16.88
C GLY A 138 -6.94 -0.33 17.18
N MET A 139 -7.89 -0.97 16.53
CA MET A 139 -8.09 -2.40 16.73
C MET A 139 -6.93 -3.19 16.14
N ALA A 140 -6.49 -4.21 16.87
CA ALA A 140 -5.34 -5.03 16.48
C ALA A 140 -5.87 -6.37 15.96
N ILE A 141 -6.15 -6.42 14.67
CA ILE A 141 -6.67 -7.63 14.04
C ILE A 141 -5.53 -8.61 13.81
N GLY A 142 -5.80 -9.88 14.07
CA GLY A 142 -4.79 -10.92 13.94
C GLY A 142 -4.47 -11.24 12.50
N PRO A 143 -3.32 -11.86 12.26
CA PRO A 143 -2.89 -12.13 10.89
C PRO A 143 -3.61 -13.34 10.29
N GLU A 144 -3.90 -13.23 8.99
CA GLU A 144 -4.49 -14.34 8.22
C GLU A 144 -5.85 -14.67 8.83
N ASN A 145 -6.27 -15.93 8.74
CA ASN A 145 -7.57 -16.37 9.25
C ASN A 145 -7.38 -16.99 10.63
N SER A 146 -7.31 -16.12 11.63
CA SER A 146 -7.26 -16.54 13.02
C SER A 146 -8.32 -15.87 13.90
N GLY A 147 -8.90 -14.76 13.46
CA GLY A 147 -9.98 -14.14 14.21
C GLY A 147 -9.59 -13.67 15.59
N LYS A 148 -8.41 -13.08 15.72
CA LYS A 148 -7.93 -12.56 17.00
C LYS A 148 -8.06 -11.05 17.00
N VAL A 149 -8.79 -10.52 17.98
CA VAL A 149 -9.04 -9.09 18.11
C VAL A 149 -8.67 -8.67 19.52
N VAL A 150 -7.91 -7.58 19.63
CA VAL A 150 -7.49 -7.03 20.91
C VAL A 150 -7.83 -5.55 20.94
N LEU A 151 -8.47 -5.11 22.02
CA LEU A 151 -8.83 -3.73 22.22
C LEU A 151 -8.15 -3.20 23.47
N THR A 152 -7.89 -1.89 23.49
CA THR A 152 -7.23 -1.23 24.61
C THR A 152 -8.15 -0.19 25.20
N ALA A 153 -8.39 -0.27 26.50
CA ALA A 153 -9.31 0.61 27.19
C ALA A 153 -8.56 1.74 27.89
N GLU A 154 -9.33 2.66 28.45
CA GLU A 154 -8.79 3.76 29.26
C GLU A 154 -9.00 3.44 30.72
N VAL A 155 -7.95 3.62 31.52
CA VAL A 155 -7.97 3.29 32.94
C VAL A 155 -7.89 4.58 33.75
N SER A 156 -8.20 4.46 35.04
CA SER A 156 -8.18 5.60 35.94
C SER A 156 -6.75 6.02 36.22
N GLY A 157 -6.60 7.05 37.07
CA GLY A 157 -5.28 7.57 37.39
C GLY A 157 -4.50 6.73 38.37
N GLY A 158 -5.16 5.88 39.15
CA GLY A 158 -4.49 5.06 40.14
C GLY A 158 -4.26 3.64 39.69
N SER A 159 -4.39 3.40 38.39
CA SER A 159 -4.27 2.04 37.87
C SER A 159 -2.81 1.59 37.89
N ARG A 160 -2.61 0.31 38.18
CA ARG A 160 -1.29 -0.28 38.11
C ARG A 160 -0.85 -0.48 36.65
N GLY A 161 -1.77 -0.93 35.81
CA GLY A 161 -1.49 -1.16 34.40
C GLY A 161 -2.74 -0.90 33.58
N GLY A 162 -2.59 -1.04 32.27
CA GLY A 162 -3.70 -0.83 31.37
C GLY A 162 -4.73 -1.94 31.45
N ARG A 163 -5.49 -2.14 30.38
CA ARG A 163 -6.52 -3.16 30.34
C ARG A 163 -6.88 -3.42 28.89
N ILE A 164 -7.09 -4.69 28.56
CA ILE A 164 -7.37 -5.10 27.19
C ILE A 164 -8.47 -6.15 27.19
N PHE A 165 -9.34 -6.07 26.18
CA PHE A 165 -10.34 -7.10 25.92
C PHE A 165 -9.90 -7.87 24.68
N ARG A 166 -9.73 -9.18 24.84
CA ARG A 166 -9.12 -10.02 23.81
C ARG A 166 -10.08 -11.14 23.43
N SER A 167 -10.21 -11.37 22.12
CA SER A 167 -11.07 -12.41 21.59
C SER A 167 -10.31 -13.23 20.57
N SER A 168 -10.70 -14.51 20.45
CA SER A 168 -10.03 -15.43 19.53
C SER A 168 -11.03 -16.23 18.71
N ASP A 169 -12.28 -15.79 18.64
CA ASP A 169 -13.33 -16.46 17.87
C ASP A 169 -14.11 -15.46 17.04
N PHE A 170 -13.38 -14.59 16.34
CA PHE A 170 -14.00 -13.60 15.46
C PHE A 170 -14.93 -12.67 16.24
N ALA A 171 -14.52 -12.28 17.44
CA ALA A 171 -15.24 -11.29 18.23
C ALA A 171 -16.61 -11.78 18.69
N LYS A 172 -16.79 -13.09 18.82
CA LYS A 172 -18.04 -13.60 19.37
C LYS A 172 -18.11 -13.38 20.87
N ASN A 173 -17.00 -13.60 21.58
CA ASN A 173 -16.91 -13.37 23.01
C ASN A 173 -15.59 -12.72 23.34
N PHE A 174 -15.60 -11.84 24.35
CA PHE A 174 -14.41 -11.11 24.76
C PHE A 174 -14.08 -11.43 26.22
N VAL A 175 -12.78 -11.38 26.53
CA VAL A 175 -12.28 -11.66 27.86
C VAL A 175 -11.46 -10.46 28.34
N GLN A 176 -11.65 -10.08 29.59
CA GLN A 176 -11.01 -8.89 30.15
C GLN A 176 -9.79 -9.30 30.97
N THR A 177 -8.67 -8.61 30.76
CA THR A 177 -7.44 -8.86 31.48
C THR A 177 -6.82 -7.55 31.91
N ASP A 178 -6.02 -7.60 32.97
CA ASP A 178 -5.30 -6.44 33.48
C ASP A 178 -3.81 -6.64 33.22
N LEU A 179 -3.19 -5.68 32.54
CA LEU A 179 -1.78 -5.77 32.23
C LEU A 179 -0.93 -5.33 33.42
N PRO A 180 0.31 -5.78 33.50
CA PRO A 180 1.24 -5.26 34.51
C PRO A 180 1.90 -3.94 34.14
N PHE A 181 1.65 -3.42 32.94
CA PHE A 181 2.24 -2.18 32.46
C PHE A 181 1.18 -1.32 31.78
N HIS A 182 1.61 -0.22 31.18
CA HIS A 182 0.75 0.66 30.42
C HIS A 182 1.19 0.71 28.97
N PRO A 183 0.55 -0.03 28.06
CA PRO A 183 1.06 -0.10 26.69
C PRO A 183 1.04 1.26 26.01
N LEU A 184 2.21 1.68 25.51
CA LEU A 184 2.33 2.93 24.79
C LEU A 184 2.31 2.76 23.28
N THR A 185 2.26 1.52 22.77
CA THR A 185 2.15 1.27 21.35
C THR A 185 1.21 0.08 21.12
N GLN A 186 0.69 0.00 19.90
CA GLN A 186 -0.23 -1.08 19.55
C GLN A 186 0.46 -2.43 19.66
N MET A 187 -0.30 -3.45 20.06
CA MET A 187 0.24 -4.79 20.13
C MET A 187 0.63 -5.27 18.74
N MET A 188 1.69 -6.09 18.69
CA MET A 188 2.19 -6.63 17.44
C MET A 188 2.18 -8.14 17.49
N TYR A 189 1.71 -8.77 16.42
CA TYR A 189 1.62 -10.21 16.32
C TYR A 189 2.86 -10.77 15.62
N SER A 190 3.26 -11.96 16.03
CA SER A 190 4.34 -12.67 15.36
C SER A 190 3.80 -13.31 14.08
N PRO A 191 4.33 -12.97 12.91
CA PRO A 191 3.73 -13.51 11.67
C PRO A 191 3.67 -15.02 11.62
N GLN A 192 4.69 -15.71 12.14
CA GLN A 192 4.72 -17.17 12.07
C GLN A 192 3.80 -17.82 13.10
N ASN A 193 3.39 -17.09 14.13
CA ASN A 193 2.54 -17.68 15.19
C ASN A 193 1.80 -16.55 15.87
N SER A 194 0.48 -16.51 15.71
CA SER A 194 -0.31 -15.40 16.23
C SER A 194 -0.42 -15.39 17.75
N ASP A 195 0.04 -16.44 18.44
CA ASP A 195 -0.07 -16.47 19.89
C ASP A 195 0.94 -15.59 20.59
N TYR A 196 1.91 -15.03 19.86
CA TYR A 196 2.96 -14.21 20.47
C TYR A 196 2.66 -12.73 20.26
N LEU A 197 3.01 -11.94 21.27
CA LEU A 197 2.78 -10.50 21.23
C LEU A 197 3.94 -9.79 21.90
N LEU A 198 4.12 -8.51 21.54
CA LEU A 198 5.08 -7.65 22.23
C LEU A 198 4.54 -6.23 22.23
N ALA A 199 5.01 -5.44 23.20
CA ALA A 199 4.60 -4.05 23.32
C ALA A 199 5.63 -3.30 24.14
N LEU A 200 5.58 -1.98 24.06
CA LEU A 200 6.46 -1.10 24.82
C LEU A 200 5.64 -0.33 25.84
N SER A 201 6.04 -0.40 27.11
CA SER A 201 5.35 0.32 28.16
C SER A 201 5.76 1.80 28.14
N THR A 202 5.14 2.60 28.99
CA THR A 202 5.47 4.02 29.05
C THR A 202 6.90 4.24 29.52
N GLU A 203 7.44 3.33 30.34
CA GLU A 203 8.80 3.41 30.82
C GLU A 203 9.81 2.79 29.86
N ASN A 204 9.42 2.60 28.60
CA ASN A 204 10.28 2.07 27.53
C ASN A 204 10.68 0.62 27.75
N GLY A 205 10.04 -0.09 28.66
CA GLY A 205 10.28 -1.51 28.78
C GLY A 205 9.74 -2.27 27.60
N LEU A 206 10.20 -3.50 27.44
CA LEU A 206 9.77 -4.39 26.36
C LEU A 206 9.16 -5.63 26.99
N TRP A 207 7.86 -5.81 26.80
CA TRP A 207 7.12 -6.93 27.38
C TRP A 207 6.65 -7.85 26.26
N VAL A 208 6.91 -9.15 26.41
CA VAL A 208 6.58 -10.15 25.39
C VAL A 208 5.69 -11.21 26.03
N SER A 209 4.61 -11.56 25.34
CA SER A 209 3.65 -12.54 25.81
C SER A 209 3.63 -13.75 24.88
N LYS A 210 3.69 -14.94 25.47
CA LYS A 210 3.76 -16.17 24.69
C LYS A 210 2.45 -16.95 24.68
N ASN A 211 1.40 -16.43 25.31
CA ASN A 211 0.11 -17.11 25.35
C ASN A 211 -1.03 -16.13 25.10
N PHE A 212 -0.84 -15.24 24.14
CA PHE A 212 -1.90 -14.34 23.66
C PHE A 212 -2.44 -13.47 24.80
N GLY A 213 -1.53 -12.77 25.48
CA GLY A 213 -1.90 -11.77 26.45
C GLY A 213 -2.25 -12.29 27.83
N GLY A 214 -2.20 -13.60 28.06
CA GLY A 214 -2.49 -14.11 29.38
C GLY A 214 -1.48 -13.62 30.41
N LYS A 215 -0.19 -13.67 30.06
CA LYS A 215 0.87 -13.21 30.94
C LYS A 215 1.96 -12.57 30.11
N TRP A 216 2.69 -11.64 30.73
CA TRP A 216 3.74 -10.89 30.05
C TRP A 216 5.01 -10.92 30.92
N GLU A 217 6.16 -10.77 30.26
CA GLU A 217 7.44 -10.75 30.93
C GLU A 217 8.30 -9.65 30.32
N GLU A 218 8.99 -8.90 31.18
CA GLU A 218 9.85 -7.81 30.74
C GLU A 218 11.22 -8.36 30.38
N ILE A 219 11.67 -8.10 29.16
CA ILE A 219 12.93 -8.63 28.67
C ILE A 219 13.97 -7.55 28.44
N HIS A 220 13.64 -6.29 28.64
CA HIS A 220 14.62 -5.21 28.63
C HIS A 220 13.97 -3.97 29.22
N LYS A 221 14.75 -2.89 29.35
CA LYS A 221 14.31 -1.73 30.10
C LYS A 221 14.57 -0.39 29.42
N ALA A 222 15.29 -0.35 28.31
CA ALA A 222 15.60 0.92 27.65
C ALA A 222 15.46 0.79 26.14
N VAL A 223 14.39 0.16 25.68
CA VAL A 223 14.21 -0.12 24.27
C VAL A 223 13.63 1.11 23.58
N CYS A 224 14.27 1.53 22.47
CA CYS A 224 13.75 2.62 21.66
C CYS A 224 12.67 2.12 20.70
N LEU A 225 12.94 1.04 20.00
CA LEU A 225 12.04 0.50 18.99
C LEU A 225 12.25 -0.99 18.88
N ALA A 226 11.20 -1.71 18.52
CA ALA A 226 11.27 -3.16 18.38
C ALA A 226 10.29 -3.61 17.32
N LYS A 227 10.55 -4.79 16.76
CA LYS A 227 9.67 -5.36 15.74
C LYS A 227 10.07 -6.80 15.49
N TRP A 228 9.06 -7.64 15.22
CA TRP A 228 9.31 -9.04 14.92
C TRP A 228 10.07 -9.18 13.61
N GLY A 229 11.01 -10.12 13.59
CA GLY A 229 11.73 -10.43 12.37
C GLY A 229 11.05 -11.56 11.62
N SER A 230 11.75 -12.69 11.51
CA SER A 230 11.19 -13.90 10.91
C SER A 230 11.51 -15.08 11.80
N ASP A 231 10.60 -16.05 11.82
CA ASP A 231 10.73 -17.24 12.66
C ASP A 231 10.82 -16.87 14.13
N ASN A 232 9.97 -15.93 14.55
CA ASN A 232 9.87 -15.53 15.95
C ASN A 232 11.20 -15.00 16.49
N THR A 233 11.79 -14.09 15.72
CA THR A 233 12.99 -13.37 16.13
C THR A 233 12.65 -11.91 16.33
N ILE A 234 13.26 -11.28 17.34
CA ILE A 234 12.95 -9.91 17.72
C ILE A 234 14.21 -9.07 17.55
N PHE A 235 14.07 -7.93 16.89
CA PHE A 235 15.14 -6.93 16.77
C PHE A 235 14.70 -5.66 17.48
N PHE A 236 15.58 -5.14 18.34
CA PHE A 236 15.27 -3.90 19.06
C PHE A 236 16.55 -3.15 19.34
N THR A 237 16.41 -1.85 19.55
CA THR A 237 17.54 -0.97 19.82
C THR A 237 17.43 -0.39 21.22
N THR A 238 18.57 -0.15 21.84
CA THR A 238 18.63 0.30 23.22
C THR A 238 19.53 1.53 23.33
N TYR A 239 19.30 2.31 24.39
CA TYR A 239 20.10 3.48 24.69
C TYR A 239 20.63 3.37 26.12
N ALA A 240 21.69 4.13 26.39
CA ALA A 240 22.35 4.09 27.69
C ALA A 240 22.20 5.42 28.45
N ASN A 241 22.62 6.53 27.84
CA ASN A 241 22.62 7.84 28.50
C ASN A 241 21.57 8.73 27.88
N GLY A 242 20.73 9.33 28.71
CA GLY A 242 19.71 10.24 28.23
C GLY A 242 18.55 9.49 27.59
N SER A 243 17.59 10.28 27.10
CA SER A 243 16.43 9.71 26.43
C SER A 243 16.83 9.15 25.07
N CYS A 244 15.86 8.59 24.37
CA CYS A 244 16.12 8.08 23.02
C CYS A 244 16.32 9.19 22.01
N LYS A 245 16.00 10.44 22.36
CA LYS A 245 16.17 11.56 21.44
C LYS A 245 17.59 12.11 21.51
N ALA A 246 18.04 12.47 22.71
CA ALA A 246 19.38 13.03 22.88
C ALA A 246 20.49 12.02 22.64
N ASP A 247 20.17 10.73 22.60
CA ASP A 247 21.16 9.68 22.41
C ASP A 247 21.15 9.12 21.00
N LEU A 248 20.47 9.79 20.07
CA LEU A 248 20.39 9.28 18.70
C LEU A 248 21.78 9.24 18.07
N GLY A 249 22.00 8.22 17.25
CA GLY A 249 23.30 7.99 16.65
C GLY A 249 24.29 7.26 17.52
N ALA A 250 23.91 6.90 18.74
CA ALA A 250 24.78 6.16 19.64
C ALA A 250 23.98 5.04 20.31
N LEU A 251 23.17 4.35 19.52
CA LEU A 251 22.38 3.23 20.00
C LEU A 251 23.06 1.91 19.67
N GLU A 252 22.51 0.84 20.23
CA GLU A 252 22.96 -0.52 19.94
C GLU A 252 21.80 -1.34 19.41
N LEU A 253 22.10 -2.29 18.56
CA LEU A 253 21.11 -3.19 17.97
C LEU A 253 21.23 -4.55 18.62
N TRP A 254 20.11 -5.07 19.12
CA TRP A 254 20.07 -6.34 19.82
C TRP A 254 19.16 -7.31 19.09
N ARG A 255 19.50 -8.60 19.21
CA ARG A 255 18.70 -9.67 18.62
C ARG A 255 18.55 -10.79 19.65
N THR A 256 17.41 -11.47 19.61
CA THR A 256 17.17 -12.61 20.50
C THR A 256 16.20 -13.55 19.83
N SER A 257 16.63 -14.78 19.59
CA SER A 257 15.81 -15.80 18.94
C SER A 257 15.05 -16.67 19.93
N ASP A 258 15.25 -16.47 21.23
CA ASP A 258 14.61 -17.28 22.26
C ASP A 258 13.53 -16.51 23.00
N LEU A 259 12.96 -15.48 22.38
CA LEU A 259 11.97 -14.62 23.02
C LEU A 259 12.53 -14.04 24.33
N GLY A 260 13.71 -13.44 24.23
CA GLY A 260 14.27 -12.71 25.35
C GLY A 260 14.91 -13.56 26.42
N LYS A 261 15.25 -14.81 26.12
CA LYS A 261 16.00 -15.64 27.06
C LYS A 261 17.49 -15.49 26.90
N SER A 262 17.97 -15.29 25.68
CA SER A 262 19.39 -15.04 25.40
C SER A 262 19.48 -13.92 24.37
N PHE A 263 20.34 -12.94 24.65
CA PHE A 263 20.48 -11.78 23.79
C PHE A 263 21.79 -11.84 23.01
N LYS A 264 21.97 -10.85 22.13
CA LYS A 264 23.19 -10.73 21.36
C LYS A 264 23.25 -9.33 20.75
N THR A 265 24.46 -8.82 20.58
CA THR A 265 24.69 -7.50 20.00
C THR A 265 25.19 -7.66 18.57
N ILE A 266 24.52 -7.01 17.63
CA ILE A 266 24.85 -7.13 16.21
C ILE A 266 25.22 -5.81 15.58
N GLY A 267 25.16 -4.71 16.32
CA GLY A 267 25.53 -3.42 15.78
C GLY A 267 25.68 -2.38 16.87
N VAL A 268 26.46 -1.35 16.55
CA VAL A 268 26.70 -0.24 17.47
C VAL A 268 26.72 1.06 16.67
N LYS A 269 26.57 2.17 17.39
CA LYS A 269 26.52 3.49 16.77
C LYS A 269 25.43 3.54 15.69
N ILE A 270 24.29 2.95 16.00
CA ILE A 270 23.18 2.89 15.06
C ILE A 270 22.42 4.22 15.09
N TYR A 271 21.86 4.58 13.93
CA TYR A 271 20.99 5.74 13.81
C TYR A 271 19.53 5.36 13.58
N SER A 272 19.28 4.21 12.96
CA SER A 272 17.92 3.70 12.74
C SER A 272 18.07 2.33 12.08
N PHE A 273 16.97 1.61 11.99
CA PHE A 273 16.99 0.29 11.37
C PHE A 273 15.60 -0.06 10.88
N GLY A 274 15.54 -1.06 10.00
CA GLY A 274 14.28 -1.49 9.45
C GLY A 274 14.45 -2.75 8.65
N LEU A 275 13.31 -3.38 8.35
CA LEU A 275 13.28 -4.63 7.60
C LEU A 275 12.58 -4.38 6.28
N GLY A 276 13.20 -4.81 5.18
CA GLY A 276 12.70 -4.55 3.85
C GLY A 276 12.49 -5.81 3.03
N GLY A 277 11.99 -6.88 3.66
CA GLY A 277 11.84 -8.15 2.99
C GLY A 277 12.84 -9.15 3.53
N ARG A 278 13.72 -9.68 2.67
CA ARG A 278 14.81 -10.52 3.13
C ARG A 278 16.10 -9.73 3.35
N PHE A 279 15.98 -8.44 3.65
CA PHE A 279 17.12 -7.58 3.94
C PHE A 279 16.97 -6.97 5.32
N LEU A 280 18.10 -6.61 5.91
CA LEU A 280 18.14 -5.87 7.17
C LEU A 280 18.98 -4.62 6.94
N PHE A 281 18.37 -3.45 7.12
CA PHE A 281 19.03 -2.17 6.89
C PHE A 281 19.30 -1.48 8.21
N ALA A 282 20.49 -0.89 8.33
CA ALA A 282 20.85 -0.13 9.51
C ALA A 282 21.73 1.04 9.09
N SER A 283 21.33 2.25 9.48
CA SER A 283 22.05 3.47 9.15
C SER A 283 23.00 3.79 10.29
N VAL A 284 24.31 3.69 10.02
CA VAL A 284 25.34 3.81 11.05
C VAL A 284 26.01 5.17 10.89
N MET A 285 26.18 5.88 12.01
CA MET A 285 26.91 7.13 11.99
C MET A 285 28.39 6.89 11.74
N ALA A 286 29.02 7.85 11.06
CA ALA A 286 30.45 7.76 10.83
C ALA A 286 31.21 7.94 12.14
N ASP A 287 32.46 7.45 12.15
CA ASP A 287 33.25 7.46 13.37
C ASP A 287 33.77 8.85 13.72
N LYS A 288 33.99 9.71 12.72
CA LYS A 288 34.59 11.01 12.95
C LYS A 288 33.79 12.18 12.40
N ASP A 289 32.67 11.94 11.72
CA ASP A 289 31.85 12.99 11.14
C ASP A 289 30.39 12.74 11.50
N THR A 290 29.52 13.62 11.02
CA THR A 290 28.07 13.45 11.16
C THR A 290 27.46 12.72 9.98
N THR A 291 28.24 12.37 8.96
CA THR A 291 27.74 11.62 7.83
C THR A 291 27.47 10.18 8.23
N ARG A 292 26.37 9.64 7.72
CA ARG A 292 25.95 8.28 8.06
C ARG A 292 25.70 7.50 6.78
N ARG A 293 26.24 6.28 6.72
CA ARG A 293 26.09 5.41 5.56
C ARG A 293 25.01 4.36 5.85
N ILE A 294 24.84 3.46 4.89
CA ILE A 294 23.86 2.37 4.98
C ILE A 294 24.62 1.05 4.97
N HIS A 295 24.34 0.22 5.97
CA HIS A 295 24.87 -1.14 6.04
C HIS A 295 23.71 -2.13 5.91
N VAL A 296 23.91 -3.15 5.09
CA VAL A 296 22.86 -4.12 4.77
C VAL A 296 23.36 -5.51 5.10
N SER A 297 22.52 -6.30 5.76
CA SER A 297 22.83 -7.67 6.10
C SER A 297 21.63 -8.55 5.80
N THR A 298 21.89 -9.77 5.32
CA THR A 298 20.84 -10.72 4.98
C THR A 298 20.98 -12.03 5.75
N ASP A 299 21.73 -12.02 6.86
CA ASP A 299 21.93 -13.20 7.69
C ASP A 299 21.37 -12.99 9.09
N GLN A 300 20.29 -12.21 9.21
CA GLN A 300 19.75 -11.81 10.50
C GLN A 300 20.75 -10.99 11.30
N GLY A 301 21.62 -10.26 10.61
CA GLY A 301 22.60 -9.42 11.26
C GLY A 301 23.87 -10.13 11.68
N ASP A 302 24.05 -11.40 11.30
CA ASP A 302 25.28 -12.09 11.66
C ASP A 302 26.50 -11.43 11.04
N THR A 303 26.40 -11.03 9.76
CA THR A 303 27.48 -10.37 9.05
C THR A 303 26.92 -9.22 8.24
N TRP A 304 27.62 -8.09 8.27
CA TRP A 304 27.19 -6.88 7.57
C TRP A 304 28.16 -6.56 6.44
N SER A 305 27.65 -5.89 5.41
CA SER A 305 28.46 -5.45 4.29
C SER A 305 28.02 -4.06 3.87
N MET A 306 28.98 -3.17 3.68
CA MET A 306 28.66 -1.79 3.32
C MET A 306 27.97 -1.75 1.96
N ALA A 307 26.95 -0.91 1.85
CA ALA A 307 26.27 -0.71 0.58
C ALA A 307 26.92 0.42 -0.20
N GLN A 308 26.85 0.32 -1.53
CA GLN A 308 27.46 1.32 -2.41
C GLN A 308 26.46 2.44 -2.69
N LEU A 309 26.24 3.25 -1.66
CA LEU A 309 25.39 4.42 -1.73
C LEU A 309 26.14 5.63 -1.19
N PRO A 310 25.76 6.83 -1.61
CA PRO A 310 26.40 8.04 -1.07
C PRO A 310 26.11 8.18 0.41
N SER A 311 27.07 8.76 1.13
CA SER A 311 26.92 9.02 2.56
C SER A 311 26.27 10.38 2.74
N VAL A 312 25.03 10.38 3.22
CA VAL A 312 24.29 11.62 3.38
C VAL A 312 24.73 12.33 4.66
N GLY A 313 24.37 13.60 4.76
CA GLY A 313 24.68 14.41 5.91
C GLY A 313 23.62 14.30 6.98
N GLN A 314 23.64 15.27 7.90
CA GLN A 314 22.69 15.30 9.01
C GLN A 314 21.39 16.00 8.65
N GLU A 315 21.32 16.65 7.50
CA GLU A 315 20.13 17.35 7.06
C GLU A 315 19.36 16.59 5.99
N GLN A 316 19.73 15.35 5.72
CA GLN A 316 19.13 14.53 4.67
C GLN A 316 18.60 13.24 5.29
N PHE A 317 18.14 12.32 4.44
CA PHE A 317 17.54 11.09 4.93
C PHE A 317 17.46 10.09 3.79
N TYR A 318 17.23 8.84 4.15
CA TYR A 318 16.93 7.76 3.21
C TYR A 318 15.46 7.39 3.32
N SER A 319 14.98 6.63 2.35
CA SER A 319 13.60 6.15 2.37
C SER A 319 13.41 5.00 1.40
N ILE A 320 12.88 3.88 1.88
CA ILE A 320 12.61 2.73 1.03
C ILE A 320 11.24 2.91 0.41
N LEU A 321 11.20 2.99 -0.92
CA LEU A 321 9.93 3.18 -1.63
C LEU A 321 9.20 1.88 -1.89
N ALA A 322 9.93 0.80 -2.16
CA ALA A 322 9.33 -0.52 -2.38
C ALA A 322 10.41 -1.59 -2.31
N ALA A 323 10.15 -2.67 -1.58
CA ALA A 323 11.14 -3.69 -1.32
C ALA A 323 10.56 -5.06 -1.63
N ASN A 324 11.12 -5.71 -2.63
CA ASN A 324 10.75 -7.07 -3.02
C ASN A 324 11.71 -8.05 -2.37
N ASP A 325 11.62 -9.32 -2.76
CA ASP A 325 12.61 -10.30 -2.33
C ASP A 325 13.94 -10.16 -3.06
N ASP A 326 13.95 -9.47 -4.20
CA ASP A 326 15.16 -9.31 -5.00
C ASP A 326 15.60 -7.85 -5.06
N MET A 327 14.73 -6.95 -5.48
CA MET A 327 15.08 -5.55 -5.67
C MET A 327 14.52 -4.69 -4.54
N VAL A 328 15.18 -3.56 -4.30
CA VAL A 328 14.73 -2.56 -3.35
C VAL A 328 14.91 -1.19 -3.98
N PHE A 329 13.92 -0.32 -3.83
CA PHE A 329 13.98 1.05 -4.30
C PHE A 329 14.38 1.95 -3.14
N MET A 330 15.45 2.71 -3.30
CA MET A 330 15.98 3.59 -2.27
C MET A 330 15.91 5.03 -2.74
N HIS A 331 15.54 5.93 -1.83
CA HIS A 331 15.46 7.35 -2.11
C HIS A 331 16.48 8.08 -1.24
N VAL A 332 17.26 8.96 -1.86
CA VAL A 332 18.31 9.70 -1.17
C VAL A 332 18.06 11.19 -1.39
N ASP A 333 17.70 11.90 -0.33
CA ASP A 333 17.43 13.33 -0.45
C ASP A 333 18.72 14.09 -0.72
N GLU A 334 18.65 15.06 -1.62
CA GLU A 334 19.82 15.87 -1.93
C GLU A 334 20.02 16.94 -0.85
N PRO A 335 21.25 17.42 -0.68
CA PRO A 335 21.50 18.46 0.32
C PRO A 335 20.69 19.72 0.01
N GLY A 336 20.22 20.37 1.07
CA GLY A 336 19.38 21.53 0.95
C GLY A 336 17.90 21.18 0.97
N ASP A 337 17.08 22.23 1.06
CA ASP A 337 15.63 22.09 1.12
C ASP A 337 14.98 22.26 -0.24
N THR A 338 15.69 21.91 -1.31
CA THR A 338 15.15 22.09 -2.66
C THR A 338 13.87 21.29 -2.88
N GLY A 339 13.67 20.21 -2.14
CA GLY A 339 12.44 19.46 -2.20
C GLY A 339 12.45 18.25 -3.12
N PHE A 340 13.61 17.83 -3.62
CA PHE A 340 13.71 16.68 -4.50
C PHE A 340 14.87 15.81 -4.08
N GLY A 341 14.92 14.61 -4.63
CA GLY A 341 15.97 13.66 -4.30
C GLY A 341 16.41 12.82 -5.48
N THR A 342 16.71 11.55 -5.24
CA THR A 342 17.15 10.65 -6.29
C THR A 342 16.72 9.24 -5.91
N ILE A 343 16.62 8.38 -6.92
CA ILE A 343 16.20 6.99 -6.73
C ILE A 343 17.33 6.07 -7.19
N PHE A 344 17.65 5.07 -6.37
CA PHE A 344 18.60 4.03 -6.72
C PHE A 344 17.90 2.68 -6.65
N THR A 345 18.35 1.75 -7.49
CA THR A 345 17.83 0.39 -7.52
C THR A 345 18.95 -0.59 -7.27
N SER A 346 18.73 -1.54 -6.36
CA SER A 346 19.77 -2.45 -5.94
C SER A 346 19.83 -3.66 -6.87
N ASP A 347 20.60 -4.67 -6.48
CA ASP A 347 20.68 -5.94 -7.18
C ASP A 347 20.17 -7.04 -6.26
N ASP A 348 20.32 -8.29 -6.69
CA ASP A 348 19.82 -9.41 -5.90
C ASP A 348 20.45 -9.46 -4.52
N ARG A 349 21.69 -8.97 -4.39
CA ARG A 349 22.36 -8.97 -3.09
C ARG A 349 21.94 -7.80 -2.21
N GLY A 350 21.31 -6.77 -2.77
CA GLY A 350 20.95 -5.61 -2.00
C GLY A 350 22.12 -4.75 -1.58
N ILE A 351 23.24 -4.82 -2.29
CA ILE A 351 24.44 -4.09 -1.96
C ILE A 351 24.78 -3.05 -3.04
N VAL A 352 24.88 -3.48 -4.29
CA VAL A 352 25.28 -2.59 -5.37
C VAL A 352 24.06 -1.82 -5.86
N TYR A 353 24.19 -0.50 -5.90
CA TYR A 353 23.10 0.39 -6.28
C TYR A 353 23.50 1.22 -7.49
N SER A 354 22.55 1.38 -8.42
CA SER A 354 22.76 2.17 -9.63
C SER A 354 21.68 3.22 -9.75
N LYS A 355 22.08 4.44 -10.14
CA LYS A 355 21.13 5.53 -10.24
C LYS A 355 20.05 5.23 -11.26
N SER A 356 18.80 5.55 -10.91
CA SER A 356 17.66 5.27 -11.77
C SER A 356 16.95 6.54 -12.23
N LEU A 357 16.55 7.41 -11.31
CA LEU A 357 15.81 8.62 -11.64
C LEU A 357 16.35 9.78 -10.82
N ASP A 358 16.18 10.99 -11.36
CA ASP A 358 16.70 12.20 -10.73
C ASP A 358 15.58 13.22 -10.58
N ARG A 359 15.75 14.11 -9.61
CA ARG A 359 14.77 15.15 -9.30
C ARG A 359 13.45 14.54 -8.87
N HIS A 360 13.48 13.33 -8.31
CA HIS A 360 12.29 12.71 -7.73
C HIS A 360 11.66 13.67 -6.73
N LEU A 361 10.37 13.51 -6.45
CA LEU A 361 9.64 14.43 -5.59
C LEU A 361 9.47 13.80 -4.21
N TYR A 362 9.83 14.55 -3.17
CA TYR A 362 9.63 14.11 -1.79
C TYR A 362 9.53 15.35 -0.92
N THR A 363 8.36 15.56 -0.32
CA THR A 363 8.09 16.84 0.34
C THR A 363 9.07 17.09 1.48
N THR A 364 9.22 16.15 2.39
CA THR A 364 10.10 16.33 3.55
C THR A 364 10.31 14.96 4.19
N THR A 365 10.96 14.93 5.36
CA THR A 365 11.26 13.67 6.03
C THR A 365 9.97 12.90 6.33
N GLY A 366 8.97 13.59 6.86
CA GLY A 366 7.66 13.02 7.09
C GLY A 366 6.66 13.32 6.00
N GLY A 367 7.10 13.82 4.85
CA GLY A 367 6.21 14.21 3.78
C GLY A 367 5.74 13.02 2.98
N GLU A 368 5.21 13.33 1.80
CA GLU A 368 4.57 12.35 0.93
C GLU A 368 5.21 12.38 -0.44
N THR A 369 5.15 11.24 -1.13
CA THR A 369 5.68 11.11 -2.48
C THR A 369 4.65 10.41 -3.35
N ASP A 370 4.78 10.58 -4.66
CA ASP A 370 3.83 10.04 -5.62
C ASP A 370 4.19 8.64 -6.12
N PHE A 371 5.25 8.03 -5.58
CA PHE A 371 5.65 6.71 -6.06
C PHE A 371 4.51 5.72 -5.90
N THR A 372 4.29 4.93 -6.96
CA THR A 372 3.16 4.01 -7.00
C THR A 372 3.55 2.76 -7.78
N ASN A 373 3.33 1.59 -7.17
CA ASN A 373 3.57 0.32 -7.83
C ASN A 373 2.29 -0.16 -8.47
N VAL A 374 2.27 -0.23 -9.80
CA VAL A 374 1.09 -0.69 -10.53
C VAL A 374 1.05 -2.22 -10.41
N THR A 375 0.16 -2.73 -9.56
CA THR A 375 0.12 -4.15 -9.29
C THR A 375 -0.52 -4.94 -10.43
N SER A 376 -1.28 -4.29 -11.30
CA SER A 376 -1.97 -5.01 -12.36
C SER A 376 -0.98 -5.64 -13.34
N LEU A 377 0.06 -4.91 -13.71
CA LEU A 377 1.03 -5.36 -14.69
C LEU A 377 2.41 -5.49 -14.07
N ARG A 378 3.20 -6.43 -14.60
CA ARG A 378 4.50 -6.73 -14.02
C ARG A 378 5.52 -5.65 -14.36
N GLY A 379 6.24 -5.20 -13.34
CA GLY A 379 7.32 -4.25 -13.56
C GLY A 379 6.88 -2.91 -14.11
N VAL A 380 5.81 -2.35 -13.56
CA VAL A 380 5.32 -1.02 -13.94
C VAL A 380 5.22 -0.17 -12.70
N TYR A 381 5.81 1.03 -12.75
CA TYR A 381 5.78 1.97 -11.64
C TYR A 381 5.55 3.36 -12.19
N ILE A 382 4.99 4.23 -11.34
CA ILE A 382 4.69 5.61 -11.70
C ILE A 382 5.15 6.51 -10.57
N THR A 383 5.72 7.67 -10.93
CA THR A 383 6.20 8.61 -9.94
C THR A 383 6.23 10.00 -10.56
N SER A 384 6.38 11.01 -9.71
CA SER A 384 6.37 12.40 -10.13
C SER A 384 7.77 12.98 -10.02
N VAL A 385 8.20 13.71 -11.05
CA VAL A 385 9.49 14.36 -11.05
C VAL A 385 9.29 15.87 -10.91
N LEU A 386 10.39 16.57 -10.71
CA LEU A 386 10.38 18.03 -10.55
C LEU A 386 11.15 18.65 -11.71
N SER A 387 10.52 19.60 -12.38
CA SER A 387 11.11 20.23 -13.55
C SER A 387 12.06 21.34 -13.12
N GLU A 388 12.52 22.14 -14.08
CA GLU A 388 13.41 23.25 -13.77
C GLU A 388 12.67 24.42 -13.13
N ASP A 389 11.38 24.57 -13.42
CA ASP A 389 10.59 25.67 -12.91
C ASP A 389 9.71 25.27 -11.73
N ASN A 390 9.96 24.09 -11.15
CA ASN A 390 9.12 23.57 -10.06
C ASN A 390 7.70 23.30 -10.55
N SER A 391 7.61 22.68 -11.72
CA SER A 391 6.34 22.24 -12.29
C SER A 391 6.36 20.72 -12.32
N ILE A 392 5.49 20.09 -11.51
CA ILE A 392 5.53 18.65 -11.35
C ILE A 392 5.13 17.97 -12.66
N GLN A 393 5.69 16.78 -12.89
CA GLN A 393 5.38 15.99 -14.07
C GLN A 393 5.41 14.53 -13.68
N THR A 394 4.76 13.70 -14.50
CA THR A 394 4.59 12.28 -14.22
C THR A 394 5.44 11.45 -15.17
N MET A 395 6.12 10.44 -14.62
CA MET A 395 6.95 9.53 -15.39
C MET A 395 6.54 8.10 -15.11
N ILE A 396 6.76 7.22 -16.08
CA ILE A 396 6.38 5.81 -15.96
C ILE A 396 7.54 4.96 -16.46
N THR A 397 7.75 3.81 -15.81
CA THR A 397 8.77 2.86 -16.21
C THR A 397 8.13 1.48 -16.34
N PHE A 398 8.54 0.75 -17.37
CA PHE A 398 8.06 -0.61 -17.60
C PHE A 398 9.13 -1.67 -17.36
N ASP A 399 10.39 -1.28 -17.24
CA ASP A 399 11.49 -2.22 -17.08
C ASP A 399 11.95 -2.32 -15.62
N GLN A 400 11.04 -2.14 -14.67
CA GLN A 400 11.39 -2.18 -13.25
C GLN A 400 12.44 -1.13 -12.91
N GLY A 401 12.33 0.03 -13.55
CA GLY A 401 13.24 1.13 -13.30
C GLY A 401 14.33 1.32 -14.33
N GLY A 402 14.32 0.56 -15.42
CA GLY A 402 15.35 0.73 -16.44
C GLY A 402 15.26 2.06 -17.15
N ARG A 403 14.06 2.42 -17.62
CA ARG A 403 13.84 3.66 -18.35
C ARG A 403 12.55 4.30 -17.87
N TRP A 404 12.49 5.63 -18.01
CA TRP A 404 11.33 6.41 -17.61
C TRP A 404 10.92 7.32 -18.75
N THR A 405 9.61 7.48 -18.96
CA THR A 405 9.09 8.31 -20.02
C THR A 405 7.76 8.90 -19.57
N HIS A 406 7.22 9.81 -20.38
CA HIS A 406 5.93 10.43 -20.08
C HIS A 406 4.78 9.50 -20.42
N LEU A 407 3.68 9.66 -19.69
CA LEU A 407 2.49 8.89 -19.99
C LEU A 407 1.95 9.28 -21.36
N ARG A 408 1.53 8.29 -22.13
CA ARG A 408 1.05 8.55 -23.48
C ARG A 408 -0.21 9.41 -23.42
N LYS A 409 -0.29 10.37 -24.34
CA LYS A 409 -1.44 11.26 -24.39
C LYS A 409 -2.69 10.48 -24.79
N PRO A 410 -3.84 10.76 -24.19
CA PRO A 410 -5.09 10.16 -24.69
C PRO A 410 -5.34 10.57 -26.13
N GLU A 411 -5.81 9.61 -26.93
CA GLU A 411 -5.92 9.83 -28.36
C GLU A 411 -7.08 10.74 -28.73
N ASN A 412 -7.96 11.08 -27.80
CA ASN A 412 -9.16 11.87 -28.11
C ASN A 412 -9.37 12.95 -27.06
N SER A 413 -8.32 13.67 -26.72
CA SER A 413 -8.39 14.77 -25.76
C SER A 413 -7.55 15.93 -26.25
N GLU A 414 -7.88 17.12 -25.76
CA GLU A 414 -7.23 18.37 -26.15
C GLU A 414 -6.37 18.89 -25.01
N CYS A 415 -5.18 19.37 -25.34
CA CYS A 415 -4.28 19.92 -24.33
C CYS A 415 -4.89 21.16 -23.70
N ASP A 416 -4.59 21.36 -22.41
CA ASP A 416 -5.11 22.50 -21.67
C ASP A 416 -4.13 23.67 -21.75
N ALA A 417 -4.36 24.70 -20.94
CA ALA A 417 -3.55 25.91 -21.01
C ALA A 417 -2.08 25.65 -20.67
N THR A 418 -1.80 24.62 -19.87
CA THR A 418 -0.42 24.35 -19.46
C THR A 418 0.45 23.93 -20.63
N ALA A 419 -0.13 23.49 -21.75
CA ALA A 419 0.61 23.01 -22.90
C ALA A 419 0.76 24.12 -23.92
N LYS A 420 2.01 24.45 -24.26
CA LYS A 420 2.26 25.46 -25.28
C LYS A 420 1.97 24.93 -26.68
N ASN A 421 2.34 23.69 -26.96
CA ASN A 421 2.10 23.06 -28.25
C ASN A 421 0.76 22.33 -28.18
N LYS A 422 -0.26 22.90 -28.83
CA LYS A 422 -1.60 22.34 -28.74
C LYS A 422 -1.73 20.98 -29.40
N ASN A 423 -0.73 20.56 -30.19
CA ASN A 423 -0.72 19.24 -30.80
C ASN A 423 0.27 18.30 -30.13
N GLU A 424 0.80 18.68 -28.96
CA GLU A 424 1.82 17.88 -28.29
C GLU A 424 1.71 18.13 -26.80
N CYS A 425 1.18 17.15 -26.07
CA CYS A 425 1.12 17.21 -24.62
C CYS A 425 1.11 15.79 -24.09
N SER A 426 0.90 15.64 -22.77
CA SER A 426 0.95 14.34 -22.14
C SER A 426 0.03 14.33 -20.93
N LEU A 427 -0.32 13.13 -20.49
CA LEU A 427 -1.21 12.94 -19.36
C LEU A 427 -0.43 12.99 -18.05
N HIS A 428 -1.02 13.60 -17.03
CA HIS A 428 -0.44 13.69 -15.71
C HIS A 428 -1.47 13.27 -14.68
N ILE A 429 -1.00 12.65 -13.60
CA ILE A 429 -1.84 11.95 -12.65
C ILE A 429 -1.69 12.58 -11.28
N HIS A 430 -2.82 12.81 -10.60
CA HIS A 430 -2.80 13.32 -9.23
C HIS A 430 -2.59 12.18 -8.25
N ALA A 431 -1.87 12.46 -7.18
CA ALA A 431 -1.45 11.43 -6.23
C ALA A 431 -1.39 12.06 -4.84
N SER A 432 -0.67 11.39 -3.93
CA SER A 432 -0.64 11.82 -2.53
C SER A 432 -0.32 13.30 -2.39
N TYR A 433 0.68 13.79 -3.14
CA TYR A 433 1.06 15.19 -3.00
C TYR A 433 -0.09 16.11 -3.38
N SER A 434 -0.79 15.82 -4.47
CA SER A 434 -1.89 16.68 -4.88
C SER A 434 -2.98 16.73 -3.82
N ILE A 435 -3.28 15.59 -3.20
CA ILE A 435 -4.24 15.56 -2.10
C ILE A 435 -3.72 16.42 -0.95
N SER A 436 -2.40 16.38 -0.71
CA SER A 436 -1.84 17.17 0.38
C SER A 436 -2.06 18.66 0.16
N GLN A 437 -1.91 19.13 -1.07
CA GLN A 437 -2.11 20.54 -1.38
C GLN A 437 -3.57 20.97 -1.36
N LYS A 438 -4.49 20.10 -0.93
CA LYS A 438 -5.90 20.43 -0.82
C LYS A 438 -6.49 20.80 -2.18
N LEU A 439 -6.46 19.83 -3.09
CA LEU A 439 -7.12 19.92 -4.38
C LEU A 439 -8.34 18.99 -4.40
N ASN A 440 -9.01 18.96 -5.54
CA ASN A 440 -10.17 18.09 -5.74
C ASN A 440 -9.73 16.71 -6.23
N VAL A 441 -9.11 15.95 -5.33
CA VAL A 441 -8.61 14.62 -5.63
C VAL A 441 -9.13 13.65 -4.58
N PRO A 442 -10.37 13.17 -4.69
CA PRO A 442 -10.90 12.28 -3.64
C PRO A 442 -10.10 11.01 -3.44
N MET A 443 -9.50 10.46 -4.49
CA MET A 443 -8.79 9.19 -4.38
C MET A 443 -7.51 9.21 -5.20
N ALA A 444 -6.59 8.32 -4.83
CA ALA A 444 -5.35 8.08 -5.53
C ALA A 444 -5.52 6.95 -6.53
N PRO A 445 -4.49 6.66 -7.34
CA PRO A 445 -4.64 5.59 -8.32
C PRO A 445 -5.00 4.25 -7.68
N LEU A 446 -5.82 3.49 -8.38
CA LEU A 446 -6.32 2.20 -7.91
C LEU A 446 -5.93 1.11 -8.89
N SER A 447 -5.63 -0.07 -8.35
CA SER A 447 -5.29 -1.24 -9.15
C SER A 447 -5.26 -2.46 -8.26
N GLU A 448 -5.67 -3.61 -8.79
CA GLU A 448 -5.72 -4.85 -8.05
C GLU A 448 -4.89 -5.92 -8.74
N PRO A 449 -4.15 -6.75 -7.99
CA PRO A 449 -3.33 -7.78 -8.65
C PRO A 449 -4.14 -8.75 -9.50
N ASN A 450 -5.36 -9.08 -9.09
CA ASN A 450 -6.15 -10.09 -9.80
C ASN A 450 -6.94 -9.53 -10.98
N ALA A 451 -7.01 -8.20 -11.12
CA ALA A 451 -7.59 -7.57 -12.30
C ALA A 451 -6.44 -7.16 -13.21
N VAL A 452 -6.31 -7.85 -14.34
CA VAL A 452 -5.09 -7.75 -15.15
C VAL A 452 -5.12 -6.46 -15.96
N GLY A 453 -4.04 -5.70 -15.88
CA GLY A 453 -3.85 -4.53 -16.72
C GLY A 453 -4.93 -3.48 -16.61
N ILE A 454 -5.40 -3.18 -15.40
CA ILE A 454 -6.41 -2.15 -15.19
C ILE A 454 -5.87 -1.13 -14.20
N VAL A 455 -5.97 0.14 -14.55
CA VAL A 455 -5.54 1.25 -13.69
C VAL A 455 -6.56 2.36 -13.80
N ILE A 456 -6.89 2.99 -12.67
CA ILE A 456 -7.83 4.09 -12.61
C ILE A 456 -7.23 5.19 -11.74
N ALA A 457 -7.36 6.44 -12.19
CA ALA A 457 -6.80 7.56 -11.44
C ALA A 457 -7.28 8.86 -12.05
N HIS A 458 -7.30 9.91 -11.23
CA HIS A 458 -7.55 11.25 -11.74
C HIS A 458 -6.32 11.75 -12.49
N GLY A 459 -6.56 12.71 -13.39
CA GLY A 459 -5.46 13.27 -14.15
C GLY A 459 -5.91 14.42 -15.01
N SER A 460 -4.93 15.13 -15.55
CA SER A 460 -5.16 16.23 -16.48
C SER A 460 -4.15 16.13 -17.60
N VAL A 461 -4.50 16.69 -18.75
CA VAL A 461 -3.68 16.63 -19.96
C VAL A 461 -2.99 17.97 -20.14
N GLY A 462 -1.68 17.94 -20.32
CA GLY A 462 -0.91 19.16 -20.50
C GLY A 462 0.56 18.89 -20.24
N ASP A 463 1.30 19.98 -20.01
CA ASP A 463 2.73 19.92 -19.76
C ASP A 463 3.08 19.91 -18.28
N ALA A 464 2.09 19.93 -17.39
CA ALA A 464 2.34 19.92 -15.96
C ALA A 464 1.02 19.72 -15.23
N ILE A 465 1.11 19.18 -14.02
CA ILE A 465 -0.08 18.95 -13.21
C ILE A 465 -0.76 20.28 -12.95
N SER A 466 -2.00 20.40 -13.42
CA SER A 466 -2.73 21.65 -13.29
C SER A 466 -3.46 21.71 -11.95
N VAL A 467 -4.16 22.83 -11.73
CA VAL A 467 -4.93 23.04 -10.50
C VAL A 467 -6.42 23.04 -10.75
N MET A 468 -6.86 22.83 -11.99
CA MET A 468 -8.28 22.78 -12.28
C MET A 468 -8.87 21.47 -11.78
N VAL A 469 -10.20 21.37 -11.85
CA VAL A 469 -10.93 20.19 -11.39
C VAL A 469 -10.54 19.01 -12.29
N PRO A 470 -10.10 17.89 -11.72
CA PRO A 470 -9.60 16.78 -12.55
C PRO A 470 -10.71 15.84 -12.99
N ASP A 471 -10.46 15.16 -14.10
CA ASP A 471 -11.33 14.12 -14.61
C ASP A 471 -10.79 12.76 -14.17
N VAL A 472 -11.38 11.68 -14.69
CA VAL A 472 -10.96 10.32 -14.36
C VAL A 472 -10.58 9.60 -15.64
N TYR A 473 -9.43 8.93 -15.63
CA TYR A 473 -8.89 8.23 -16.78
C TYR A 473 -8.66 6.78 -16.41
N ILE A 474 -8.83 5.89 -17.38
CA ILE A 474 -8.69 4.45 -17.18
C ILE A 474 -7.85 3.85 -18.30
N SER A 475 -6.99 2.92 -17.94
CA SER A 475 -6.21 2.15 -18.89
C SER A 475 -6.47 0.67 -18.66
N ASP A 476 -6.61 -0.08 -19.75
CA ASP A 476 -6.95 -1.50 -19.67
C ASP A 476 -5.87 -2.39 -20.27
N ASP A 477 -4.65 -1.89 -20.41
CA ASP A 477 -3.54 -2.73 -20.87
C ASP A 477 -2.25 -2.43 -20.10
N GLY A 478 -2.37 -1.95 -18.86
CA GLY A 478 -1.24 -1.76 -17.99
C GLY A 478 -0.75 -0.33 -17.89
N GLY A 479 -1.10 0.53 -18.84
CA GLY A 479 -0.70 1.92 -18.78
C GLY A 479 -0.15 2.47 -20.07
N TYR A 480 -0.06 1.63 -21.10
CA TYR A 480 0.45 2.09 -22.38
C TYR A 480 -0.49 3.09 -23.03
N SER A 481 -1.81 2.86 -22.92
CA SER A 481 -2.80 3.74 -23.52
C SER A 481 -3.87 4.07 -22.47
N TRP A 482 -4.39 5.30 -22.54
CA TRP A 482 -5.38 5.79 -21.60
C TRP A 482 -6.58 6.32 -22.37
N THR A 483 -7.61 6.73 -21.63
CA THR A 483 -8.81 7.31 -22.20
C THR A 483 -9.67 7.86 -21.08
N LYS A 484 -10.35 8.97 -21.34
CA LYS A 484 -11.20 9.57 -20.32
C LYS A 484 -12.40 8.68 -20.05
N MET A 485 -12.64 8.38 -18.78
CA MET A 485 -13.72 7.49 -18.36
C MET A 485 -14.92 8.28 -17.86
N LEU A 486 -14.71 9.13 -16.85
CA LEU A 486 -15.75 9.98 -16.30
C LEU A 486 -15.25 11.41 -16.25
N GLU A 487 -16.17 12.35 -16.04
CA GLU A 487 -15.85 13.77 -15.96
C GLU A 487 -16.18 14.27 -14.57
N GLY A 488 -15.15 14.74 -13.86
CA GLY A 488 -15.31 15.23 -12.51
C GLY A 488 -14.83 14.22 -11.50
N PRO A 489 -14.48 14.67 -10.30
CA PRO A 489 -13.96 13.75 -9.29
C PRO A 489 -15.00 12.70 -8.91
N HIS A 490 -14.51 11.50 -8.58
CA HIS A 490 -15.38 10.39 -8.23
C HIS A 490 -14.66 9.48 -7.24
N TYR A 491 -15.44 8.64 -6.56
CA TYR A 491 -14.94 7.54 -5.75
C TYR A 491 -15.21 6.26 -6.53
N TYR A 492 -14.16 5.57 -6.95
CA TYR A 492 -14.27 4.37 -7.75
C TYR A 492 -13.80 3.15 -6.98
N THR A 493 -14.26 1.98 -7.42
CA THR A 493 -13.91 0.72 -6.79
C THR A 493 -14.05 -0.38 -7.82
N ILE A 494 -13.37 -1.51 -7.58
CA ILE A 494 -13.37 -2.65 -8.48
C ILE A 494 -13.89 -3.86 -7.70
N LEU A 495 -14.82 -4.60 -8.31
CA LEU A 495 -15.42 -5.76 -7.68
C LEU A 495 -15.28 -6.99 -8.58
N ASP A 496 -15.28 -8.16 -7.96
CA ASP A 496 -15.29 -9.44 -8.67
C ASP A 496 -14.15 -9.53 -9.69
N SER A 497 -12.96 -9.14 -9.28
CA SER A 497 -11.76 -9.28 -10.12
C SER A 497 -11.93 -8.59 -11.47
N GLY A 498 -12.51 -7.39 -11.47
CA GLY A 498 -12.71 -6.64 -12.69
C GLY A 498 -14.00 -6.93 -13.41
N GLY A 499 -14.87 -7.76 -12.85
CA GLY A 499 -16.14 -8.04 -13.49
C GLY A 499 -17.01 -6.80 -13.63
N ILE A 500 -17.12 -6.02 -12.55
CA ILE A 500 -17.97 -4.85 -12.53
C ILE A 500 -17.26 -3.75 -11.73
N ILE A 501 -17.32 -2.52 -12.25
CA ILE A 501 -16.76 -1.36 -11.58
C ILE A 501 -17.90 -0.46 -11.12
N VAL A 502 -17.67 0.27 -10.02
CA VAL A 502 -18.67 1.17 -9.47
C VAL A 502 -18.01 2.53 -9.19
N ALA A 503 -18.82 3.58 -9.23
CA ALA A 503 -18.31 4.93 -9.04
C ALA A 503 -19.39 5.78 -8.37
N ILE A 504 -18.95 6.68 -7.50
CA ILE A 504 -19.84 7.61 -6.79
C ILE A 504 -19.34 9.02 -7.03
N GLU A 505 -20.26 9.93 -7.32
CA GLU A 505 -19.88 11.30 -7.60
C GLU A 505 -19.39 11.99 -6.33
N HIS A 506 -18.44 12.90 -6.50
CA HIS A 506 -17.86 13.67 -5.41
C HIS A 506 -18.43 15.09 -5.49
N SER A 507 -19.42 15.37 -4.64
CA SER A 507 -20.13 16.63 -4.66
C SER A 507 -20.26 17.16 -3.23
N SER A 508 -20.60 18.43 -3.13
CA SER A 508 -20.83 19.08 -1.84
C SER A 508 -22.28 19.04 -1.42
N ARG A 509 -23.14 18.36 -2.17
CA ARG A 509 -24.55 18.23 -1.87
C ARG A 509 -24.93 16.75 -1.77
N PRO A 510 -26.03 16.43 -1.10
CA PRO A 510 -26.43 15.03 -0.98
C PRO A 510 -26.64 14.37 -2.33
N ILE A 511 -26.30 13.08 -2.40
CA ILE A 511 -26.40 12.31 -3.63
C ILE A 511 -27.16 11.03 -3.36
N ASN A 512 -27.92 10.57 -4.35
CA ASN A 512 -28.71 9.34 -4.25
C ASN A 512 -28.62 8.55 -5.54
N VAL A 513 -27.42 8.42 -6.10
CA VAL A 513 -27.21 7.68 -7.34
C VAL A 513 -25.82 7.06 -7.31
N ILE A 514 -25.71 5.90 -7.94
CA ILE A 514 -24.44 5.18 -8.09
C ILE A 514 -24.35 4.64 -9.51
N LYS A 515 -23.18 4.76 -10.11
CA LYS A 515 -22.94 4.29 -11.47
C LYS A 515 -22.16 2.98 -11.43
N PHE A 516 -22.37 2.14 -12.43
CA PHE A 516 -21.65 0.88 -12.52
C PHE A 516 -21.51 0.48 -13.98
N SER A 517 -20.39 -0.18 -14.28
CA SER A 517 -20.07 -0.61 -15.64
C SER A 517 -19.59 -2.06 -15.61
N THR A 518 -19.96 -2.80 -16.66
CA THR A 518 -19.59 -4.21 -16.78
C THR A 518 -18.56 -4.46 -17.87
N ASP A 519 -18.26 -3.47 -18.71
CA ASP A 519 -17.34 -3.62 -19.83
C ASP A 519 -16.03 -2.86 -19.59
N GLU A 520 -15.55 -2.86 -18.35
CA GLU A 520 -14.31 -2.18 -17.98
C GLU A 520 -14.37 -0.69 -18.32
N GLY A 521 -15.28 0.00 -17.63
CA GLY A 521 -15.39 1.45 -17.76
C GLY A 521 -15.66 1.91 -19.17
N GLN A 522 -16.57 1.22 -19.87
CA GLN A 522 -16.94 1.57 -21.23
C GLN A 522 -18.38 2.07 -21.29
N CYS A 523 -19.33 1.29 -20.79
CA CYS A 523 -20.74 1.67 -20.74
C CYS A 523 -21.13 1.85 -19.28
N TRP A 524 -21.71 2.99 -18.96
CA TRP A 524 -22.11 3.31 -17.59
C TRP A 524 -23.62 3.42 -17.47
N GLN A 525 -24.14 3.02 -16.31
CA GLN A 525 -25.57 3.07 -16.04
C GLN A 525 -25.79 3.55 -14.61
N THR A 526 -26.90 4.26 -14.39
CA THR A 526 -27.18 4.91 -13.12
C THR A 526 -28.32 4.20 -12.40
N TYR A 527 -28.13 3.94 -11.10
CA TYR A 527 -29.16 3.32 -10.27
C TYR A 527 -29.42 4.22 -9.06
N THR A 528 -30.69 4.51 -8.81
CA THR A 528 -31.10 5.36 -7.69
C THR A 528 -31.38 4.45 -6.50
N PHE A 529 -30.47 4.45 -5.53
CA PHE A 529 -30.54 3.47 -4.45
C PHE A 529 -31.33 3.95 -3.24
N THR A 530 -31.44 5.26 -3.02
CA THR A 530 -32.15 5.79 -1.87
C THR A 530 -33.10 6.89 -2.31
N ARG A 531 -34.24 6.97 -1.62
CA ARG A 531 -35.18 8.06 -1.85
C ARG A 531 -34.77 9.33 -1.13
N ASP A 532 -34.01 9.20 -0.04
CA ASP A 532 -33.54 10.35 0.73
C ASP A 532 -32.04 10.50 0.53
N PRO A 533 -31.57 11.48 -0.23
CA PRO A 533 -30.14 11.63 -0.46
C PRO A 533 -29.36 11.82 0.84
N ILE A 534 -28.15 11.28 0.87
CA ILE A 534 -27.27 11.35 2.04
C ILE A 534 -25.94 11.94 1.63
N TYR A 535 -25.28 12.59 2.60
CA TYR A 535 -23.92 13.10 2.37
C TYR A 535 -22.94 11.93 2.33
N PHE A 536 -22.38 11.66 1.16
CA PHE A 536 -21.48 10.53 1.01
C PHE A 536 -20.21 10.73 1.83
N THR A 537 -19.67 9.62 2.34
CA THR A 537 -18.47 9.67 3.16
C THR A 537 -17.42 8.67 2.70
N GLY A 538 -17.82 7.55 2.12
CA GLY A 538 -16.85 6.59 1.63
C GLY A 538 -17.40 5.23 1.25
N LEU A 539 -16.64 4.48 0.47
CA LEU A 539 -16.99 3.13 0.07
C LEU A 539 -16.20 2.11 0.87
N ALA A 540 -16.79 0.93 1.05
CA ALA A 540 -16.12 -0.17 1.75
C ALA A 540 -16.42 -1.47 1.02
N SER A 541 -15.42 -2.35 0.98
CA SER A 541 -15.57 -3.65 0.34
C SER A 541 -14.54 -4.60 0.92
N GLU A 542 -14.78 -5.89 0.74
CA GLU A 542 -13.86 -6.90 1.26
C GLU A 542 -12.51 -6.77 0.56
N PRO A 543 -11.40 -6.69 1.30
CA PRO A 543 -10.09 -6.58 0.64
C PRO A 543 -9.82 -7.76 -0.28
N GLY A 544 -9.13 -7.47 -1.38
CA GLY A 544 -8.80 -8.47 -2.38
C GLY A 544 -9.56 -8.35 -3.67
N ALA A 545 -10.64 -7.56 -3.71
CA ALA A 545 -11.42 -7.34 -4.92
C ALA A 545 -11.92 -8.66 -5.51
N ARG A 546 -12.60 -9.43 -4.67
CA ARG A 546 -13.19 -10.70 -5.08
C ARG A 546 -14.63 -10.87 -4.62
N SER A 547 -15.23 -9.84 -4.01
CA SER A 547 -16.60 -9.90 -3.53
C SER A 547 -17.52 -9.18 -4.50
N MET A 548 -18.83 -9.26 -4.22
CA MET A 548 -19.83 -8.53 -4.98
C MET A 548 -20.64 -7.57 -4.13
N ASN A 549 -20.45 -7.56 -2.81
CA ASN A 549 -21.15 -6.63 -1.93
C ASN A 549 -20.34 -5.34 -1.83
N ILE A 550 -21.06 -4.22 -1.84
CA ILE A 550 -20.46 -2.89 -1.71
C ILE A 550 -21.25 -2.10 -0.68
N SER A 551 -20.54 -1.46 0.25
CA SER A 551 -21.16 -0.70 1.32
C SER A 551 -20.95 0.79 1.08
N ILE A 552 -22.01 1.57 1.18
CA ILE A 552 -21.98 3.01 0.93
C ILE A 552 -22.36 3.70 2.24
N TRP A 553 -21.41 4.42 2.83
CA TRP A 553 -21.63 5.09 4.09
C TRP A 553 -22.09 6.53 3.83
N GLY A 554 -22.14 7.34 4.87
CA GLY A 554 -22.59 8.71 4.79
C GLY A 554 -23.38 9.07 6.02
N PHE A 555 -24.10 10.19 5.95
CA PHE A 555 -24.97 10.58 7.04
C PHE A 555 -26.14 11.38 6.49
N THR A 556 -27.32 11.17 7.08
CA THR A 556 -28.55 11.73 6.54
C THR A 556 -28.58 13.25 6.72
N GLU A 557 -29.48 13.88 5.96
CA GLU A 557 -29.57 15.34 5.91
C GLU A 557 -30.13 15.96 7.18
N SER A 558 -30.65 15.16 8.12
CA SER A 558 -31.38 15.70 9.26
C SER A 558 -30.63 16.87 9.89
N PHE A 559 -31.22 18.07 9.81
CA PHE A 559 -30.55 19.26 10.31
C PHE A 559 -30.55 19.30 11.83
N LEU A 560 -31.69 18.98 12.46
CA LEU A 560 -31.76 19.00 13.91
C LEU A 560 -30.80 18.00 14.53
N THR A 561 -30.77 16.78 13.99
CA THR A 561 -29.89 15.73 14.51
C THR A 561 -29.56 14.79 13.37
N SER A 562 -28.33 14.86 12.88
CA SER A 562 -27.88 13.96 11.83
C SER A 562 -27.52 12.58 12.41
N GLN A 563 -27.43 11.60 11.53
CA GLN A 563 -27.12 10.24 11.95
C GLN A 563 -26.34 9.54 10.83
N TRP A 564 -25.66 8.46 11.21
CA TRP A 564 -24.97 7.64 10.22
C TRP A 564 -25.97 6.73 9.52
N VAL A 565 -25.52 6.16 8.40
CA VAL A 565 -26.34 5.23 7.63
C VAL A 565 -25.44 4.49 6.65
N SER A 566 -25.82 3.27 6.28
CA SER A 566 -25.06 2.49 5.32
C SER A 566 -26.02 1.73 4.41
N TYR A 567 -25.73 1.76 3.11
CA TYR A 567 -26.48 1.01 2.12
C TYR A 567 -25.57 -0.04 1.50
N THR A 568 -25.99 -1.29 1.53
CA THR A 568 -25.25 -2.40 0.97
C THR A 568 -26.00 -2.97 -0.22
N ILE A 569 -25.33 -3.07 -1.36
CA ILE A 569 -25.93 -3.54 -2.60
C ILE A 569 -25.20 -4.80 -3.04
N ASP A 570 -25.95 -5.82 -3.43
CA ASP A 570 -25.41 -7.08 -3.90
C ASP A 570 -25.72 -7.23 -5.37
N PHE A 571 -24.68 -7.52 -6.17
CA PHE A 571 -24.80 -7.66 -7.62
C PHE A 571 -24.93 -9.11 -8.06
N LYS A 572 -25.54 -9.97 -7.24
CA LYS A 572 -25.61 -11.38 -7.60
C LYS A 572 -26.55 -11.61 -8.78
N ASP A 573 -27.60 -10.79 -8.91
CA ASP A 573 -28.57 -10.96 -9.98
C ASP A 573 -28.25 -10.14 -11.22
N ILE A 574 -27.19 -9.33 -11.19
CA ILE A 574 -26.74 -8.65 -12.41
C ILE A 574 -25.86 -9.57 -13.22
N LEU A 575 -24.94 -10.28 -12.56
CA LEU A 575 -24.10 -11.28 -13.20
C LEU A 575 -24.73 -12.65 -12.95
N GLU A 576 -25.81 -12.91 -13.68
CA GLU A 576 -26.58 -14.14 -13.46
C GLU A 576 -25.77 -15.38 -13.79
N ARG A 577 -25.03 -15.35 -14.89
CA ARG A 577 -24.34 -16.53 -15.40
C ARG A 577 -22.89 -16.56 -14.93
N ASN A 578 -22.33 -17.76 -14.89
CA ASN A 578 -20.93 -17.99 -14.55
C ASN A 578 -20.11 -18.12 -15.82
N CYS A 579 -18.94 -17.48 -15.83
CA CYS A 579 -18.10 -17.45 -17.02
C CYS A 579 -17.70 -18.87 -17.40
N GLU A 580 -17.60 -19.10 -18.71
CA GLU A 580 -17.26 -20.41 -19.27
C GLU A 580 -15.94 -20.31 -20.04
N GLU A 581 -15.58 -21.40 -20.72
CA GLU A 581 -14.38 -21.41 -21.54
C GLU A 581 -14.46 -20.38 -22.66
N LYS A 582 -15.64 -20.22 -23.25
CA LYS A 582 -15.79 -19.30 -24.37
C LYS A 582 -15.60 -17.85 -23.94
N ASP A 583 -15.98 -17.52 -22.71
CA ASP A 583 -15.89 -16.13 -22.24
C ASP A 583 -14.48 -15.81 -21.76
N TYR A 584 -13.48 -16.08 -22.59
CA TYR A 584 -12.10 -15.74 -22.27
C TYR A 584 -11.31 -15.62 -23.57
N THR A 585 -10.41 -14.64 -23.61
CA THR A 585 -9.57 -14.41 -24.78
C THR A 585 -8.12 -14.38 -24.36
N ILE A 586 -7.25 -14.86 -25.25
CA ILE A 586 -5.81 -14.91 -24.96
C ILE A 586 -5.20 -13.55 -25.24
N TRP A 587 -4.48 -13.02 -24.26
CA TRP A 587 -3.97 -11.66 -24.31
C TRP A 587 -2.47 -11.67 -24.02
N LEU A 588 -1.69 -10.99 -24.86
CA LEU A 588 -0.25 -10.89 -24.69
C LEU A 588 0.09 -9.55 -24.03
N ALA A 589 0.87 -9.60 -22.97
CA ALA A 589 1.19 -8.42 -22.18
C ALA A 589 2.44 -7.73 -22.73
N HIS A 590 2.51 -6.41 -22.50
CA HIS A 590 3.66 -5.60 -22.89
C HIS A 590 3.88 -5.62 -24.40
N SER A 591 2.84 -5.87 -25.18
CA SER A 591 2.97 -5.93 -26.62
C SER A 591 3.01 -4.52 -27.20
N THR A 592 4.09 -4.21 -27.93
CA THR A 592 4.26 -2.91 -28.57
C THR A 592 4.34 -3.02 -30.08
N ASP A 593 5.21 -3.89 -30.60
CA ASP A 593 5.42 -4.03 -32.04
C ASP A 593 5.38 -5.51 -32.42
N PRO A 594 4.31 -5.98 -33.07
CA PRO A 594 4.25 -7.42 -33.40
C PRO A 594 5.40 -7.89 -34.27
N GLU A 595 5.97 -6.99 -35.09
CA GLU A 595 7.06 -7.41 -35.98
C GLU A 595 8.24 -7.99 -35.18
N ASP A 596 8.44 -7.52 -33.96
CA ASP A 596 9.55 -7.97 -33.15
C ASP A 596 9.52 -9.50 -32.97
N TYR A 597 10.69 -10.12 -33.14
CA TYR A 597 10.79 -11.57 -32.93
C TYR A 597 10.41 -11.95 -31.51
N GLU A 598 10.67 -11.06 -30.56
CA GLU A 598 10.43 -11.30 -29.15
C GLU A 598 9.54 -10.18 -28.62
N ASP A 599 8.46 -9.90 -29.35
CA ASP A 599 7.61 -8.77 -29.01
C ASP A 599 7.11 -8.87 -27.58
N GLY A 600 7.25 -7.78 -26.84
CA GLY A 600 6.77 -7.74 -25.46
C GLY A 600 7.46 -8.71 -24.53
N CYS A 601 8.78 -8.83 -24.63
CA CYS A 601 9.56 -9.67 -23.72
C CYS A 601 10.30 -8.75 -22.76
N ILE A 602 9.79 -8.66 -21.53
CA ILE A 602 10.34 -7.80 -20.50
C ILE A 602 11.05 -8.67 -19.47
N LEU A 603 12.30 -8.33 -19.18
CA LEU A 603 13.11 -9.06 -18.21
C LEU A 603 13.32 -10.51 -18.61
N GLY A 604 13.31 -10.80 -19.92
CA GLY A 604 13.74 -12.08 -20.44
C GLY A 604 12.64 -13.05 -20.79
N TYR A 605 11.39 -12.78 -20.42
CA TYR A 605 10.32 -13.72 -20.72
C TYR A 605 9.01 -12.96 -20.93
N LYS A 606 8.10 -13.60 -21.66
CA LYS A 606 6.79 -13.05 -21.95
C LYS A 606 5.74 -13.71 -21.05
N GLU A 607 4.49 -13.29 -21.24
CA GLU A 607 3.37 -13.89 -20.52
C GLU A 607 2.10 -13.68 -21.32
N GLN A 608 1.34 -14.75 -21.53
CA GLN A 608 0.08 -14.69 -22.28
C GLN A 608 -1.07 -15.01 -21.35
N PHE A 609 -1.83 -13.99 -20.96
CA PHE A 609 -2.94 -14.18 -20.04
C PHE A 609 -4.20 -14.61 -20.78
N LEU A 610 -5.20 -15.01 -19.99
CA LEU A 610 -6.56 -15.21 -20.47
C LEU A 610 -7.45 -14.23 -19.71
N ARG A 611 -8.00 -13.25 -20.41
CA ARG A 611 -8.79 -12.19 -19.81
C ARG A 611 -10.24 -12.29 -20.25
N LEU A 612 -11.15 -12.01 -19.31
CA LEU A 612 -12.57 -11.99 -19.63
C LEU A 612 -12.86 -10.90 -20.65
N ARG A 613 -13.64 -11.24 -21.67
CA ARG A 613 -14.01 -10.26 -22.68
C ARG A 613 -14.94 -9.21 -22.09
N LYS A 614 -14.82 -7.98 -22.58
CA LYS A 614 -15.67 -6.90 -22.11
C LYS A 614 -17.14 -7.20 -22.37
N SER A 615 -17.45 -7.72 -23.57
CA SER A 615 -18.85 -7.99 -23.90
C SER A 615 -19.44 -9.05 -22.98
N SER A 616 -18.68 -10.09 -22.66
CA SER A 616 -19.17 -11.18 -21.82
C SER A 616 -19.60 -10.66 -20.46
N VAL A 617 -20.87 -10.82 -20.12
CA VAL A 617 -21.41 -10.45 -18.82
C VAL A 617 -21.58 -11.74 -18.02
N CYS A 618 -20.63 -12.00 -17.12
CA CYS A 618 -20.63 -13.22 -16.34
C CYS A 618 -19.80 -12.99 -15.08
N GLN A 619 -19.89 -13.94 -14.16
CA GLN A 619 -19.25 -13.83 -12.85
C GLN A 619 -18.02 -14.72 -12.80
N ASN A 620 -16.89 -14.14 -12.43
CA ASN A 620 -15.66 -14.93 -12.29
C ASN A 620 -15.74 -15.88 -11.11
N GLY A 621 -16.29 -15.42 -9.99
CA GLY A 621 -16.39 -16.23 -8.79
C GLY A 621 -15.27 -15.94 -7.81
N ARG A 622 -15.41 -16.51 -6.61
CA ARG A 622 -14.41 -16.32 -5.57
C ARG A 622 -13.19 -17.22 -5.74
N ASP A 623 -13.27 -18.24 -6.57
CA ASP A 623 -12.18 -19.18 -6.78
C ASP A 623 -11.40 -18.90 -8.07
N TYR A 624 -11.68 -17.78 -8.73
CA TYR A 624 -10.99 -17.47 -9.98
C TYR A 624 -9.53 -17.15 -9.72
N VAL A 625 -8.65 -17.73 -10.53
CA VAL A 625 -7.21 -17.47 -10.47
C VAL A 625 -6.72 -17.24 -11.89
N VAL A 626 -5.89 -16.21 -12.07
CA VAL A 626 -5.46 -15.82 -13.41
C VAL A 626 -4.61 -16.94 -14.03
N THR A 627 -4.65 -17.03 -15.35
CA THR A 627 -3.91 -18.03 -16.10
C THR A 627 -2.78 -17.35 -16.87
N LYS A 628 -1.65 -18.05 -16.99
CA LYS A 628 -0.47 -17.48 -17.62
C LYS A 628 0.29 -18.59 -18.33
N GLN A 629 1.26 -18.18 -19.15
CA GLN A 629 2.05 -19.12 -19.93
C GLN A 629 3.36 -18.48 -20.34
N PRO A 630 4.31 -18.30 -19.43
CA PRO A 630 5.55 -17.60 -19.77
C PRO A 630 6.43 -18.41 -20.72
N SER A 631 7.21 -17.68 -21.52
CA SER A 631 8.22 -18.25 -22.38
C SER A 631 9.46 -17.36 -22.33
N ILE A 632 10.63 -17.99 -22.19
CA ILE A 632 11.86 -17.24 -21.99
C ILE A 632 12.36 -16.67 -23.32
N CYS A 633 13.26 -15.70 -23.22
CA CYS A 633 13.85 -15.04 -24.38
C CYS A 633 15.37 -15.10 -24.26
N LEU A 634 16.05 -15.00 -25.39
CA LEU A 634 17.50 -15.03 -25.39
C LEU A 634 18.06 -13.81 -24.64
N CYS A 635 19.16 -14.03 -23.92
CA CYS A 635 19.78 -12.94 -23.18
C CYS A 635 20.49 -11.99 -24.15
N SER A 636 20.74 -10.78 -23.65
CA SER A 636 21.46 -9.76 -24.39
C SER A 636 22.30 -8.96 -23.42
N LEU A 637 23.06 -7.99 -23.95
CA LEU A 637 23.89 -7.15 -23.11
C LEU A 637 23.06 -6.23 -22.22
N GLU A 638 21.77 -6.12 -22.46
CA GLU A 638 20.90 -5.22 -21.70
C GLU A 638 20.27 -5.89 -20.49
N ASP A 639 20.61 -7.15 -20.21
CA ASP A 639 20.08 -7.87 -19.07
C ASP A 639 21.02 -7.87 -17.88
N PHE A 640 22.16 -7.19 -17.97
CA PHE A 640 23.18 -7.21 -16.92
C PHE A 640 23.41 -5.80 -16.41
N LEU A 641 23.78 -5.69 -15.14
CA LEU A 641 24.19 -4.43 -14.53
C LEU A 641 25.66 -4.52 -14.14
N CYS A 642 26.19 -3.43 -13.60
CA CYS A 642 27.60 -3.31 -13.27
C CYS A 642 27.86 -3.77 -11.84
N ASP A 643 29.11 -4.14 -11.59
CA ASP A 643 29.56 -4.58 -10.27
C ASP A 643 30.24 -3.41 -9.55
N PHE A 644 30.89 -3.72 -8.42
CA PHE A 644 31.47 -2.66 -7.59
C PHE A 644 32.44 -1.79 -8.38
N GLY A 645 33.41 -2.41 -9.05
CA GLY A 645 34.49 -1.67 -9.66
C GLY A 645 34.35 -1.45 -11.15
N TYR A 646 33.13 -1.19 -11.60
CA TYR A 646 32.89 -0.93 -13.02
C TYR A 646 31.76 0.09 -13.14
N TYR A 647 31.66 0.69 -14.33
CA TYR A 647 30.62 1.68 -14.59
C TYR A 647 30.29 1.67 -16.08
N ARG A 648 29.16 2.32 -16.41
CA ARG A 648 28.70 2.39 -17.79
C ARG A 648 29.17 3.69 -18.42
N PRO A 649 30.03 3.68 -19.43
CA PRO A 649 30.32 4.92 -20.15
C PRO A 649 29.09 5.41 -20.91
N GLU A 650 28.98 6.74 -21.02
CA GLU A 650 27.82 7.33 -21.68
C GLU A 650 27.84 6.99 -23.17
N ASN A 651 26.64 6.93 -23.76
CA ASN A 651 26.42 6.66 -25.16
C ASN A 651 26.76 5.22 -25.54
N ASP A 652 27.05 4.36 -24.56
CA ASP A 652 27.37 2.97 -24.81
C ASP A 652 26.61 2.11 -23.80
N SER A 653 26.65 0.79 -24.02
CA SER A 653 26.00 -0.17 -23.15
C SER A 653 26.98 -1.09 -22.43
N LYS A 654 28.26 -1.03 -22.77
CA LYS A 654 29.26 -1.83 -22.08
C LYS A 654 29.48 -1.29 -20.67
N CYS A 655 30.14 -2.11 -19.85
CA CYS A 655 30.47 -1.74 -18.46
C CYS A 655 31.99 -1.80 -18.31
N VAL A 656 32.65 -0.65 -18.39
CA VAL A 656 34.10 -0.57 -18.30
C VAL A 656 34.52 -0.34 -16.86
N GLU A 657 35.80 -0.58 -16.59
CA GLU A 657 36.35 -0.38 -15.25
C GLU A 657 36.40 1.10 -14.90
N GLN A 658 36.23 1.38 -13.60
CA GLN A 658 36.38 2.73 -13.10
C GLN A 658 37.86 3.10 -13.00
N PRO A 659 38.22 4.37 -13.25
CA PRO A 659 39.63 4.76 -13.11
C PRO A 659 40.15 4.54 -11.68
N HIS A 676 38.68 -7.22 1.33
CA HIS A 676 37.45 -6.73 0.72
C HIS A 676 37.04 -7.63 -0.44
N LEU A 677 35.73 -7.77 -0.65
CA LEU A 677 35.23 -8.65 -1.69
C LEU A 677 35.59 -8.12 -3.07
N THR A 678 35.67 -9.04 -4.03
CA THR A 678 36.06 -8.71 -5.39
C THR A 678 35.01 -9.21 -6.37
N THR A 679 34.90 -8.51 -7.50
CA THR A 679 33.93 -8.85 -8.54
C THR A 679 34.62 -8.88 -9.90
N ASN A 680 34.14 -9.76 -10.77
CA ASN A 680 34.70 -9.93 -12.11
C ASN A 680 33.59 -9.81 -13.14
N GLY A 681 33.57 -8.68 -13.84
CA GLY A 681 32.70 -8.52 -14.99
C GLY A 681 31.35 -7.91 -14.63
N TYR A 682 30.28 -8.52 -15.13
CA TYR A 682 28.93 -8.00 -15.04
C TYR A 682 28.14 -8.75 -13.98
N ARG A 683 26.88 -8.36 -13.81
CA ARG A 683 25.94 -9.04 -12.94
C ARG A 683 24.57 -9.04 -13.58
N LYS A 684 23.83 -10.13 -13.36
CA LYS A 684 22.52 -10.30 -13.98
C LYS A 684 21.46 -9.59 -13.16
N ILE A 685 20.65 -8.78 -13.82
CA ILE A 685 19.66 -7.93 -13.15
C ILE A 685 18.67 -8.79 -12.40
N PRO A 686 18.31 -8.45 -11.16
CA PRO A 686 17.35 -9.27 -10.41
C PRO A 686 16.00 -9.30 -11.09
N GLY A 687 15.34 -10.46 -11.04
CA GLY A 687 14.07 -10.66 -11.68
C GLY A 687 14.17 -11.09 -13.14
N ASP A 688 15.37 -11.09 -13.70
CA ASP A 688 15.57 -11.45 -15.10
C ASP A 688 15.75 -12.96 -15.22
N LYS A 689 15.06 -13.56 -16.18
CA LYS A 689 15.03 -15.01 -16.33
C LYS A 689 15.45 -15.47 -17.71
N CYS A 690 16.12 -14.62 -18.47
CA CYS A 690 16.56 -15.00 -19.81
C CYS A 690 17.56 -16.15 -19.72
N GLN A 691 17.83 -16.76 -20.87
CA GLN A 691 18.81 -17.85 -20.95
C GLN A 691 19.35 -17.92 -22.36
N GLY A 692 20.65 -18.14 -22.47
CA GLY A 692 21.31 -18.28 -23.76
C GLY A 692 21.73 -16.95 -24.36
N GLY A 693 22.62 -17.04 -25.33
CA GLY A 693 23.12 -15.85 -26.01
C GLY A 693 24.36 -15.26 -25.39
N VAL A 694 24.39 -13.93 -25.30
CA VAL A 694 25.56 -13.24 -24.77
C VAL A 694 25.64 -13.44 -23.26
N ASN A 695 26.84 -13.75 -22.76
CA ASN A 695 27.06 -14.00 -21.35
C ASN A 695 28.44 -13.51 -20.97
N PRO A 696 28.57 -12.21 -20.65
CA PRO A 696 29.88 -11.67 -20.26
C PRO A 696 30.21 -11.91 -18.79
N VAL A 697 30.62 -13.14 -18.50
CA VAL A 697 30.91 -13.59 -17.14
C VAL A 697 29.93 -12.97 -16.14
N GLU B 5 14.85 11.41 10.89
CA GLU B 5 14.72 9.96 10.91
C GLU B 5 14.72 9.41 9.48
N ASP B 6 15.00 8.11 9.35
CA ASP B 6 15.03 7.44 8.07
C ASP B 6 13.95 6.37 8.03
N LEU B 7 13.13 6.39 6.97
CA LEU B 7 12.06 5.42 6.81
C LEU B 7 12.64 4.20 6.09
N LEU B 8 13.17 3.25 6.86
CA LEU B 8 13.81 2.07 6.32
C LEU B 8 12.90 0.84 6.35
N SER B 9 11.62 1.01 6.66
CA SER B 9 10.68 -0.10 6.69
C SER B 9 9.36 0.36 6.08
N LEU B 10 8.78 -0.49 5.23
CA LEU B 10 7.51 -0.17 4.60
C LEU B 10 6.41 -0.07 5.65
N GLN B 11 5.60 0.99 5.56
CA GLN B 11 4.51 1.22 6.50
C GLN B 11 3.22 0.70 5.88
N GLU B 12 2.72 -0.42 6.39
CA GLU B 12 1.49 -0.99 5.88
C GLU B 12 0.31 -0.10 6.24
N PRO B 13 -0.79 -0.21 5.50
CA PRO B 13 -1.94 0.67 5.76
C PRO B 13 -2.52 0.47 7.17
N GLY B 14 -3.48 1.31 7.53
CA GLY B 14 -4.10 1.23 8.83
C GLY B 14 -5.54 0.75 8.76
N SER B 15 -6.47 1.59 9.21
CA SER B 15 -7.89 1.26 9.22
C SER B 15 -8.68 2.40 8.61
N LYS B 16 -9.75 2.04 7.90
CA LYS B 16 -10.64 3.05 7.34
C LYS B 16 -11.26 3.87 8.46
N THR B 17 -11.24 5.20 8.29
CA THR B 17 -11.75 6.11 9.30
C THR B 17 -12.62 7.16 8.62
N TYR B 18 -13.65 7.60 9.33
CA TYR B 18 -14.57 8.62 8.84
C TYR B 18 -14.81 9.63 9.95
N SER B 19 -15.74 10.54 9.72
CA SER B 19 -16.10 11.53 10.72
C SER B 19 -17.33 12.32 10.28
#